data_2I40
#
_entry.id   2I40
#
_cell.length_a   184.882
_cell.length_b   184.882
_cell.length_c   213.000
_cell.angle_alpha   90.00
_cell.angle_beta   90.00
_cell.angle_gamma   120.00
#
_symmetry.space_group_name_H-M   'P 62 2 2'
#
loop_
_entity.id
_entity.type
_entity.pdbx_description
1 polymer 'Cell division protein kinase 2'
2 polymer Cyclin-A2
3 non-polymer 5-[5,6-BIS(METHYLOXY)-1H-BENZIMIDAZOL-1-YL]-3-{[1-(2-CHLOROPHENYL)ETHYL]OXY}-2-THIOPHENECARBOXAMIDE
4 water water
#
loop_
_entity_poly.entity_id
_entity_poly.type
_entity_poly.pdbx_seq_one_letter_code
_entity_poly.pdbx_strand_id
1 'polypeptide(L)'
;MENFQKVEKIGEGTYGVVYKARNKLTGEVVALKKIRLDTETEGVPSTAIREISLLKELNHPNIVKLLDVIHTENKLYLVF
EFLHQDLKKFMDASALTGIPLPLIKSYLFQLLQGLAFCHSHRVLHRDLKPQNLLINTEGAIKLADFGLARAFGVPVRTYT
HEVVTLWYRAPEILLGCKYYSTAVDIWSLGCIFAEMVTRRALFPGDSEIDQLFRIFRTLGTPDEVVWPGVTSMPDYKPSF
PKWARQDFSKVVPPLDEDGRSLLSQMLHYDPNKRISAKAALAHPFFQDVTKPVPHLRL
;
A,C
2 'polypeptide(L)'
;NEVPDYHEDIHTYLREMEVKCKPKVGYMKKQPDITNSMRAILVDWLVEVGEEYKLQNETLHLAVNYIDRFLSSMSVLRGK
LQLVGTAAMLLASKFEEIYPPEVAEFVYITDDTYTKKQVLRMEHLVLKVLTFDLAAPTVNQFLTQYFLHQQPANCKVESL
AMFLGELSLIDADPYLKYLPSVIAGAAFHLALYTVTGQSWPESLIRKTGYTLESLKPCLMDLHQTYLKAPQHAQQSIREK
YKNSKYHGVSLLNPPETLNL
;
B,D
#
loop_
_chem_comp.id
_chem_comp.type
_chem_comp.name
_chem_comp.formula
BLZ non-polymer 5-[5,6-BIS(METHYLOXY)-1H-BENZIMIDAZOL-1-YL]-3-{[1-(2-CHLOROPHENYL)ETHYL]OXY}-2-THIOPHENECARBOXAMIDE 'C22 H20 Cl N3 O4 S'
#
# COMPACT_ATOMS: atom_id res chain seq x y z
N MET A 1 10.98 7.70 -15.03
CA MET A 1 11.19 7.61 -16.50
C MET A 1 12.65 7.80 -16.95
N GLU A 2 13.43 8.53 -16.17
CA GLU A 2 14.83 8.77 -16.48
C GLU A 2 15.70 7.54 -16.22
N ASN A 3 15.14 6.52 -15.58
CA ASN A 3 15.86 5.27 -15.30
C ASN A 3 15.79 4.25 -16.45
N PHE A 4 15.02 4.57 -17.48
CA PHE A 4 14.83 3.64 -18.60
C PHE A 4 15.59 4.05 -19.85
N GLN A 5 16.27 3.09 -20.45
CA GLN A 5 16.99 3.28 -21.70
C GLN A 5 16.22 2.57 -22.82
N LYS A 6 15.84 3.32 -23.85
CA LYS A 6 15.13 2.76 -24.99
C LYS A 6 16.10 1.93 -25.81
N VAL A 7 15.72 0.69 -26.09
CA VAL A 7 16.57 -0.23 -26.83
C VAL A 7 16.15 -0.27 -28.30
N GLU A 8 14.84 -0.41 -28.54
CA GLU A 8 14.30 -0.49 -29.90
C GLU A 8 12.76 -0.48 -29.92
N LYS A 9 12.20 -0.05 -31.05
CA LYS A 9 10.76 -0.16 -31.30
C LYS A 9 10.36 -1.62 -31.44
N ILE A 10 9.32 -2.04 -30.74
CA ILE A 10 8.79 -3.40 -30.91
C ILE A 10 7.33 -3.42 -31.36
N GLY A 11 6.69 -2.26 -31.39
CA GLY A 11 5.30 -2.14 -31.87
C GLY A 11 4.77 -0.72 -31.94
N GLU A 12 3.76 -0.51 -32.79
CA GLU A 12 3.12 0.79 -32.98
C GLU A 12 1.66 0.63 -33.40
N GLY A 13 0.78 1.45 -32.82
CA GLY A 13 -0.63 1.50 -33.23
C GLY A 13 -1.33 2.75 -32.72
N THR A 14 -2.66 2.80 -32.92
CA THR A 14 -3.49 3.94 -32.51
C THR A 14 -3.28 4.44 -31.06
N TYR A 15 -3.00 3.52 -30.13
CA TYR A 15 -2.66 3.83 -28.73
C TYR A 15 -1.42 4.73 -28.61
N GLY A 16 -0.34 4.32 -29.27
CA GLY A 16 0.97 4.94 -29.12
C GLY A 16 2.03 3.98 -29.64
N VAL A 17 3.17 3.94 -28.95
CA VAL A 17 4.31 3.14 -29.41
C VAL A 17 4.81 2.23 -28.29
N VAL A 18 5.30 1.03 -28.66
CA VAL A 18 5.88 0.09 -27.70
C VAL A 18 7.38 -0.12 -27.94
N TYR A 19 8.15 0.03 -26.86
CA TYR A 19 9.60 -0.08 -26.92
C TYR A 19 10.12 -1.19 -26.02
N LYS A 20 11.07 -1.97 -26.52
CA LYS A 20 11.91 -2.77 -25.64
C LYS A 20 12.82 -1.79 -24.93
N ALA A 21 12.94 -1.92 -23.61
CA ALA A 21 13.74 -1.01 -22.83
C ALA A 21 14.50 -1.71 -21.72
N ARG A 22 15.52 -1.04 -21.19
CA ARG A 22 16.33 -1.56 -20.11
C ARG A 22 16.30 -0.63 -18.90
N ASN A 23 16.14 -1.21 -17.72
CA ASN A 23 16.30 -0.46 -16.48
C ASN A 23 17.79 -0.19 -16.23
N LYS A 24 18.16 1.09 -16.26
CA LYS A 24 19.57 1.48 -16.16
C LYS A 24 20.19 1.11 -14.82
N LEU A 25 19.37 1.02 -13.78
CA LEU A 25 19.86 0.74 -12.44
C LEU A 25 19.84 -0.74 -12.04
N THR A 26 18.82 -1.48 -12.47
CA THR A 26 18.69 -2.89 -12.08
C THR A 26 19.08 -3.85 -13.19
N GLY A 27 19.09 -3.34 -14.43
CA GLY A 27 19.37 -4.18 -15.60
C GLY A 27 18.13 -4.87 -16.13
N GLU A 28 17.00 -4.74 -15.45
CA GLU A 28 15.76 -5.41 -15.88
C GLU A 28 15.32 -4.98 -17.30
N VAL A 29 15.03 -5.97 -18.14
CA VAL A 29 14.53 -5.71 -19.49
C VAL A 29 13.00 -5.62 -19.44
N VAL A 30 12.45 -4.58 -20.05
CA VAL A 30 11.02 -4.31 -19.96
C VAL A 30 10.43 -3.90 -21.31
N ALA A 31 9.13 -4.11 -21.47
CA ALA A 31 8.40 -3.57 -22.58
C ALA A 31 7.72 -2.28 -22.11
N LEU A 32 8.07 -1.16 -22.72
CA LEU A 32 7.46 0.12 -22.40
C LEU A 32 6.32 0.43 -23.36
N LYS A 33 5.10 0.55 -22.83
CA LYS A 33 4.00 1.03 -23.64
C LYS A 33 3.76 2.50 -23.32
N LYS A 34 3.96 3.33 -24.34
CA LYS A 34 3.82 4.78 -24.20
C LYS A 34 2.50 5.24 -24.79
N ILE A 35 1.68 5.89 -23.98
CA ILE A 35 0.41 6.45 -24.44
C ILE A 35 0.56 7.96 -24.68
N ARG A 36 0.19 8.36 -25.90
CA ARG A 36 0.39 9.72 -26.42
C ARG A 36 -0.04 10.83 -25.45
N LEU A 37 -1.35 10.93 -25.20
CA LEU A 37 -1.91 11.83 -24.16
C LEU A 37 -1.54 13.31 -24.34
N THR A 41 -7.03 16.67 -25.77
CA THR A 41 -7.85 16.88 -24.59
C THR A 41 -9.05 15.93 -24.54
N GLU A 42 -8.78 14.71 -24.09
CA GLU A 42 -9.82 13.72 -23.78
C GLU A 42 -9.47 12.96 -22.50
N GLY A 43 -8.25 13.17 -22.02
CA GLY A 43 -7.80 12.63 -20.74
C GLY A 43 -7.17 11.27 -20.93
N VAL A 44 -7.11 10.52 -19.84
CA VAL A 44 -6.63 9.15 -19.88
C VAL A 44 -7.60 8.30 -20.69
N PRO A 45 -7.11 7.62 -21.73
CA PRO A 45 -7.95 6.78 -22.58
C PRO A 45 -8.63 5.64 -21.82
N SER A 46 -9.88 5.33 -22.19
CA SER A 46 -10.65 4.27 -21.55
C SER A 46 -9.95 2.93 -21.52
N THR A 47 -9.30 2.56 -22.62
CA THR A 47 -8.62 1.27 -22.70
C THR A 47 -7.48 1.18 -21.69
N ALA A 48 -6.75 2.28 -21.48
CA ALA A 48 -5.64 2.30 -20.53
C ALA A 48 -6.13 2.21 -19.09
N ILE A 49 -7.20 2.93 -18.80
CA ILE A 49 -7.86 2.85 -17.50
C ILE A 49 -8.26 1.41 -17.20
N ARG A 50 -8.85 0.73 -18.19
CA ARG A 50 -9.24 -0.67 -18.03
C ARG A 50 -8.05 -1.61 -17.94
N GLU A 51 -7.10 -1.46 -18.85
CA GLU A 51 -5.94 -2.34 -18.91
C GLU A 51 -5.17 -2.31 -17.61
N ILE A 52 -5.01 -1.11 -17.05
CA ILE A 52 -4.22 -0.94 -15.82
C ILE A 52 -4.92 -1.54 -14.61
N SER A 53 -6.19 -1.15 -14.37
CA SER A 53 -6.90 -1.62 -13.19
C SER A 53 -7.20 -3.11 -13.22
N LEU A 54 -7.37 -3.68 -14.39
CA LEU A 54 -7.60 -5.11 -14.45
C LEU A 54 -6.30 -5.92 -14.27
N LEU A 55 -5.22 -5.53 -14.96
CA LEU A 55 -3.95 -6.28 -14.88
C LEU A 55 -3.31 -6.25 -13.50
N LYS A 56 -3.42 -5.11 -12.81
CA LYS A 56 -2.99 -4.97 -11.42
C LYS A 56 -3.54 -6.07 -10.52
N GLU A 57 -4.79 -6.46 -10.74
CA GLU A 57 -5.41 -7.55 -9.97
C GLU A 57 -4.96 -8.93 -10.43
N LEU A 58 -4.37 -9.03 -11.61
CA LEU A 58 -4.12 -10.33 -12.19
C LEU A 58 -2.66 -10.73 -12.14
N ASN A 59 -2.22 -11.23 -10.99
CA ASN A 59 -0.89 -11.82 -10.89
C ASN A 59 -0.96 -13.34 -11.04
N HIS A 60 -0.46 -13.84 -12.18
CA HIS A 60 -0.48 -15.26 -12.49
C HIS A 60 0.69 -15.50 -13.44
N PRO A 61 1.36 -16.66 -13.32
CA PRO A 61 2.51 -16.95 -14.19
C PRO A 61 2.21 -17.01 -15.71
N ASN A 62 0.93 -17.08 -16.09
CA ASN A 62 0.54 -17.15 -17.51
C ASN A 62 -0.21 -15.92 -18.04
N ILE A 63 0.01 -14.79 -17.37
CA ILE A 63 -0.57 -13.50 -17.72
C ILE A 63 0.60 -12.51 -17.61
N VAL A 64 0.77 -11.65 -18.60
CA VAL A 64 1.92 -10.73 -18.60
C VAL A 64 1.82 -9.74 -17.44
N LYS A 65 2.93 -9.55 -16.73
CA LYS A 65 2.96 -8.70 -15.55
C LYS A 65 3.03 -7.23 -15.92
N LEU A 66 2.17 -6.45 -15.29
CA LEU A 66 2.33 -5.00 -15.33
C LEU A 66 3.29 -4.65 -14.20
N LEU A 67 4.49 -4.20 -14.55
CA LEU A 67 5.52 -3.93 -13.55
C LEU A 67 5.39 -2.57 -12.89
N ASP A 68 4.85 -1.61 -13.64
CA ASP A 68 4.78 -0.24 -13.17
C ASP A 68 3.87 0.61 -14.07
N VAL A 69 3.44 1.75 -13.54
CA VAL A 69 2.72 2.74 -14.31
C VAL A 69 3.32 4.10 -13.94
N ILE A 70 3.86 4.80 -14.92
CA ILE A 70 4.46 6.11 -14.68
C ILE A 70 3.58 7.17 -15.32
N HIS A 71 3.03 8.04 -14.48
CA HIS A 71 2.08 9.05 -14.91
C HIS A 71 2.63 10.46 -14.73
N THR A 72 3.32 10.95 -15.75
CA THR A 72 3.73 12.36 -15.78
C THR A 72 2.49 13.24 -16.03
N GLU A 73 2.70 14.53 -16.27
CA GLU A 73 1.57 15.42 -16.56
C GLU A 73 1.01 15.23 -17.99
N ASN A 74 1.93 15.00 -18.94
CA ASN A 74 1.57 14.95 -20.37
C ASN A 74 1.85 13.62 -21.08
N LYS A 75 2.47 12.66 -20.40
CA LYS A 75 2.65 11.31 -20.95
C LYS A 75 2.33 10.21 -19.92
N LEU A 76 1.89 9.04 -20.43
CA LEU A 76 1.56 7.88 -19.58
C LEU A 76 2.23 6.60 -20.07
N TYR A 77 3.09 6.01 -19.23
CA TYR A 77 3.84 4.81 -19.61
C TYR A 77 3.38 3.57 -18.83
N LEU A 78 3.18 2.47 -19.54
CA LEU A 78 2.88 1.20 -18.92
C LEU A 78 4.08 0.30 -19.05
N VAL A 79 4.65 -0.13 -17.93
CA VAL A 79 5.85 -0.95 -17.92
C VAL A 79 5.46 -2.41 -17.75
N PHE A 80 5.83 -3.26 -18.71
CA PHE A 80 5.51 -4.70 -18.69
C PHE A 80 6.78 -5.54 -18.66
N GLU A 81 6.69 -6.74 -18.10
CA GLU A 81 7.76 -7.73 -18.27
C GLU A 81 7.96 -7.98 -19.76
N PHE A 82 9.18 -8.34 -20.13
CA PHE A 82 9.51 -8.56 -21.52
C PHE A 82 9.52 -10.04 -21.90
N LEU A 83 8.81 -10.41 -22.96
CA LEU A 83 8.92 -11.77 -23.48
C LEU A 83 9.55 -11.80 -24.87
N HIS A 84 9.95 -12.98 -25.34
CA HIS A 84 10.86 -13.08 -26.47
C HIS A 84 10.18 -12.93 -27.84
N GLN A 85 8.94 -13.40 -27.97
CA GLN A 85 8.14 -13.14 -29.17
C GLN A 85 6.69 -13.56 -28.99
N ASP A 86 5.88 -13.32 -30.03
CA ASP A 86 4.49 -13.75 -30.01
C ASP A 86 4.29 -15.06 -30.77
N LEU A 87 3.16 -15.72 -30.50
CA LEU A 87 2.86 -17.02 -31.09
C LEU A 87 2.72 -16.92 -32.61
N LYS A 88 2.21 -15.79 -33.08
CA LYS A 88 2.03 -15.58 -34.52
C LYS A 88 3.38 -15.69 -35.22
N LYS A 89 4.37 -15.01 -34.66
CA LYS A 89 5.72 -15.03 -35.21
C LYS A 89 6.32 -16.43 -35.09
N PHE A 90 5.99 -17.14 -34.01
CA PHE A 90 6.49 -18.49 -33.79
C PHE A 90 5.89 -19.47 -34.79
N MET A 91 4.58 -19.38 -34.99
CA MET A 91 3.85 -20.26 -35.93
C MET A 91 4.37 -20.12 -37.34
N ASP A 92 4.75 -18.91 -37.73
CA ASP A 92 5.32 -18.66 -39.06
C ASP A 92 6.70 -19.28 -39.19
N ALA A 93 7.55 -19.08 -38.19
CA ALA A 93 8.86 -19.73 -38.16
C ALA A 93 8.75 -21.26 -38.22
N SER A 94 7.62 -21.78 -37.73
CA SER A 94 7.38 -23.22 -37.65
C SER A 94 6.64 -23.81 -38.85
N ALA A 95 6.35 -22.96 -39.84
CA ALA A 95 5.55 -23.35 -41.00
C ALA A 95 6.03 -24.62 -41.73
N LEU A 96 7.34 -24.80 -41.85
CA LEU A 96 7.91 -25.99 -42.48
C LEU A 96 7.98 -27.19 -41.53
N THR A 97 8.54 -26.97 -40.35
CA THR A 97 8.75 -28.04 -39.38
C THR A 97 7.49 -28.46 -38.59
N GLY A 98 6.58 -27.52 -38.35
CA GLY A 98 5.46 -27.72 -37.44
C GLY A 98 5.87 -27.49 -35.99
N ILE A 99 4.90 -27.12 -35.16
CA ILE A 99 5.10 -27.11 -33.70
C ILE A 99 4.82 -28.53 -33.16
N PRO A 100 5.79 -29.14 -32.46
CA PRO A 100 5.57 -30.50 -31.93
C PRO A 100 4.31 -30.57 -31.06
N LEU A 101 3.58 -31.68 -31.15
CA LEU A 101 2.31 -31.80 -30.43
C LEU A 101 2.42 -31.67 -28.91
N PRO A 102 3.47 -32.25 -28.28
CA PRO A 102 3.60 -31.99 -26.84
C PRO A 102 3.72 -30.50 -26.49
N LEU A 103 4.35 -29.71 -27.37
CA LEU A 103 4.45 -28.26 -27.14
C LEU A 103 3.13 -27.52 -27.37
N ILE A 104 2.36 -27.96 -28.37
CA ILE A 104 0.98 -27.49 -28.58
C ILE A 104 0.14 -27.69 -27.31
N LYS A 105 0.25 -28.90 -26.74
CA LYS A 105 -0.49 -29.29 -25.56
C LYS A 105 -0.07 -28.44 -24.37
N SER A 106 1.25 -28.25 -24.21
CA SER A 106 1.78 -27.44 -23.14
C SER A 106 1.27 -26.02 -23.26
N TYR A 107 1.30 -25.48 -24.48
CA TYR A 107 0.83 -24.13 -24.72
C TYR A 107 -0.66 -24.00 -24.39
N LEU A 108 -1.47 -24.92 -24.90
CA LEU A 108 -2.90 -24.85 -24.64
C LEU A 108 -3.15 -24.91 -23.15
N PHE A 109 -2.48 -25.83 -22.46
CA PHE A 109 -2.64 -26.02 -21.02
C PHE A 109 -2.39 -24.71 -20.25
N GLN A 110 -1.30 -24.04 -20.59
CA GLN A 110 -0.94 -22.80 -19.92
C GLN A 110 -1.90 -21.68 -20.27
N LEU A 111 -2.31 -21.62 -21.53
CA LEU A 111 -3.30 -20.64 -21.96
C LEU A 111 -4.60 -20.77 -21.14
N LEU A 112 -5.06 -22.00 -20.94
CA LEU A 112 -6.27 -22.24 -20.17
C LEU A 112 -6.13 -21.88 -18.69
N GLN A 113 -4.93 -22.07 -18.14
CA GLN A 113 -4.65 -21.67 -16.76
C GLN A 113 -4.73 -20.17 -16.57
N GLY A 114 -4.11 -19.42 -17.47
CA GLY A 114 -4.18 -17.97 -17.47
C GLY A 114 -5.62 -17.50 -17.63
N LEU A 115 -6.35 -18.18 -18.50
CA LEU A 115 -7.72 -17.77 -18.80
C LEU A 115 -8.68 -18.11 -17.67
N ALA A 116 -8.48 -19.27 -17.04
CA ALA A 116 -9.30 -19.68 -15.90
C ALA A 116 -9.08 -18.72 -14.74
N PHE A 117 -7.84 -18.24 -14.60
CA PHE A 117 -7.51 -17.21 -13.63
C PHE A 117 -8.24 -15.90 -13.94
N CYS A 118 -8.17 -15.44 -15.19
CA CYS A 118 -8.91 -14.24 -15.59
C CYS A 118 -10.39 -14.39 -15.25
N HIS A 119 -10.99 -15.46 -15.76
CA HIS A 119 -12.43 -15.66 -15.65
C HIS A 119 -12.95 -15.76 -14.22
N SER A 120 -12.17 -16.42 -13.35
CA SER A 120 -12.58 -16.57 -11.96
C SER A 120 -12.24 -15.30 -11.14
N HIS A 121 -11.56 -14.36 -11.79
CA HIS A 121 -11.40 -13.01 -11.27
C HIS A 121 -12.24 -11.98 -12.04
N ARG A 122 -13.33 -12.47 -12.63
CA ARG A 122 -14.31 -11.65 -13.37
C ARG A 122 -13.73 -10.73 -14.46
N VAL A 123 -12.64 -11.16 -15.10
CA VAL A 123 -12.11 -10.45 -16.27
C VAL A 123 -12.29 -11.25 -17.55
N LEU A 124 -12.92 -10.63 -18.56
CA LEU A 124 -12.92 -11.19 -19.91
C LEU A 124 -11.80 -10.59 -20.73
N HIS A 125 -11.07 -11.43 -21.46
CA HIS A 125 -9.99 -10.91 -22.29
C HIS A 125 -10.55 -10.27 -23.58
N ARG A 126 -11.30 -11.04 -24.35
CA ARG A 126 -12.01 -10.55 -25.53
C ARG A 126 -11.21 -10.39 -26.82
N ASP A 127 -9.88 -10.48 -26.75
CA ASP A 127 -9.03 -10.26 -27.93
C ASP A 127 -7.92 -11.31 -28.04
N LEU A 128 -8.27 -12.56 -27.77
CA LEU A 128 -7.30 -13.65 -27.83
C LEU A 128 -7.01 -14.08 -29.26
N LYS A 129 -5.77 -13.82 -29.68
CA LYS A 129 -5.26 -14.16 -31.00
C LYS A 129 -3.75 -14.38 -30.92
N PRO A 130 -3.18 -15.18 -31.85
CA PRO A 130 -1.76 -15.51 -31.78
C PRO A 130 -0.81 -14.35 -31.46
N GLN A 131 -1.05 -13.15 -31.96
CA GLN A 131 -0.10 -12.06 -31.71
C GLN A 131 -0.27 -11.39 -30.34
N ASN A 132 -1.28 -11.84 -29.60
CA ASN A 132 -1.49 -11.36 -28.23
C ASN A 132 -0.99 -12.36 -27.19
N LEU A 133 -0.47 -13.50 -27.66
CA LEU A 133 0.05 -14.50 -26.76
C LEU A 133 1.56 -14.52 -26.89
N LEU A 134 2.25 -14.35 -25.77
CA LEU A 134 3.70 -14.17 -25.77
C LEU A 134 4.45 -15.34 -25.14
N ILE A 135 5.61 -15.66 -25.73
CA ILE A 135 6.39 -16.83 -25.33
C ILE A 135 7.83 -16.49 -25.00
N ASN A 136 8.42 -17.25 -24.07
CA ASN A 136 9.87 -17.19 -23.82
C ASN A 136 10.58 -18.47 -24.24
N THR A 137 11.91 -18.50 -24.07
CA THR A 137 12.67 -19.67 -24.45
C THR A 137 12.56 -20.87 -23.47
N GLU A 138 12.05 -20.63 -22.26
N GLU A 138 12.10 -20.59 -22.24
CA GLU A 138 11.90 -21.70 -21.26
CA GLU A 138 11.89 -21.62 -21.22
C GLU A 138 10.50 -22.33 -21.23
C GLU A 138 10.73 -22.56 -21.56
N GLY A 139 9.72 -22.05 -22.27
CA GLY A 139 8.51 -22.82 -22.55
C GLY A 139 7.23 -22.23 -22.01
N ALA A 140 7.31 -20.99 -21.55
CA ALA A 140 6.15 -20.28 -21.01
C ALA A 140 5.36 -19.61 -22.12
N ILE A 141 4.05 -19.59 -21.97
CA ILE A 141 3.18 -18.76 -22.79
C ILE A 141 2.28 -17.92 -21.86
N LYS A 142 2.05 -16.67 -22.22
CA LYS A 142 1.28 -15.74 -21.38
C LYS A 142 0.30 -14.89 -22.18
N LEU A 143 -0.89 -14.67 -21.63
CA LEU A 143 -1.85 -13.79 -22.27
C LEU A 143 -1.33 -12.35 -22.15
N ALA A 144 -1.50 -11.57 -23.21
CA ALA A 144 -1.12 -10.17 -23.20
C ALA A 144 -2.19 -9.31 -23.87
N ASP A 145 -1.95 -8.01 -23.88
CA ASP A 145 -2.86 -7.03 -24.48
C ASP A 145 -4.29 -7.10 -23.93
N PHE A 146 -4.46 -6.60 -22.71
CA PHE A 146 -5.76 -6.47 -22.09
C PHE A 146 -6.36 -5.11 -22.42
N GLY A 147 -6.06 -4.61 -23.62
CA GLY A 147 -6.61 -3.35 -24.12
C GLY A 147 -8.12 -3.37 -24.34
N LEU A 148 -8.67 -4.56 -24.63
CA LEU A 148 -10.10 -4.73 -24.77
C LEU A 148 -10.72 -5.53 -23.63
N ALA A 149 -9.99 -5.73 -22.55
CA ALA A 149 -10.48 -6.52 -21.41
C ALA A 149 -11.60 -5.81 -20.66
N ARG A 150 -12.50 -6.59 -20.06
CA ARG A 150 -13.65 -6.04 -19.31
C ARG A 150 -13.94 -6.83 -18.05
N ALA A 151 -14.31 -6.12 -16.99
CA ALA A 151 -14.76 -6.74 -15.76
C ALA A 151 -16.22 -7.13 -15.93
N PHE A 152 -16.56 -8.38 -15.65
CA PHE A 152 -17.97 -8.79 -15.80
C PHE A 152 -18.71 -9.10 -14.48
N GLY A 153 -18.45 -8.31 -13.45
CA GLY A 153 -19.25 -8.36 -12.22
C GLY A 153 -20.72 -8.16 -12.53
N VAL A 154 -20.99 -7.35 -13.55
CA VAL A 154 -22.31 -7.27 -14.20
C VAL A 154 -22.06 -7.53 -15.68
N PRO A 155 -23.08 -8.02 -16.41
CA PRO A 155 -22.78 -8.54 -17.74
C PRO A 155 -22.33 -7.44 -18.71
N VAL A 156 -21.39 -7.81 -19.59
CA VAL A 156 -20.78 -6.85 -20.51
C VAL A 156 -21.55 -6.85 -21.83
N ARG A 157 -22.11 -5.69 -22.19
CA ARG A 157 -22.87 -5.53 -23.43
C ARG A 157 -21.97 -5.61 -24.67
N THR A 158 -22.51 -6.04 -25.82
CA THR A 158 -21.73 -6.10 -27.07
C THR A 158 -21.64 -4.76 -27.80
N TYR A 159 -20.44 -4.48 -28.33
CA TYR A 159 -20.12 -3.20 -28.96
C TYR A 159 -20.86 -2.94 -30.29
N VAL A 163 -14.81 -5.58 -33.05
CA VAL A 163 -13.93 -5.51 -31.87
C VAL A 163 -12.71 -6.43 -31.99
N VAL A 164 -12.83 -7.67 -31.49
CA VAL A 164 -11.81 -8.70 -31.75
C VAL A 164 -11.70 -8.97 -33.26
N THR A 165 -10.48 -9.27 -33.73
CA THR A 165 -10.29 -9.60 -35.12
C THR A 165 -11.20 -10.76 -35.52
N LEU A 166 -11.62 -10.74 -36.79
CA LEU A 166 -12.66 -11.63 -37.30
CA LEU A 166 -12.66 -11.63 -37.30
C LEU A 166 -12.41 -13.12 -37.10
N TRP A 167 -11.22 -13.57 -37.51
CA TRP A 167 -10.86 -15.00 -37.51
C TRP A 167 -11.09 -15.75 -36.20
N TYR A 168 -11.04 -15.03 -35.08
CA TYR A 168 -11.14 -15.67 -33.77
C TYR A 168 -12.42 -15.25 -33.04
N ARG A 169 -13.34 -14.65 -33.80
CA ARG A 169 -14.60 -14.15 -33.27
C ARG A 169 -15.65 -15.24 -33.15
N ALA A 170 -16.28 -15.33 -31.97
CA ALA A 170 -17.26 -16.37 -31.69
C ALA A 170 -18.54 -16.19 -32.51
N PRO A 171 -19.24 -17.32 -32.83
CA PRO A 171 -20.44 -17.22 -33.65
C PRO A 171 -21.56 -16.40 -32.99
N GLU A 172 -21.63 -16.41 -31.66
CA GLU A 172 -22.70 -15.69 -30.97
C GLU A 172 -22.57 -14.17 -31.14
N ILE A 173 -21.32 -13.70 -31.23
CA ILE A 173 -21.08 -12.28 -31.50
C ILE A 173 -21.45 -11.92 -32.93
N LEU A 174 -21.13 -12.81 -33.87
CA LEU A 174 -21.43 -12.59 -35.27
C LEU A 174 -22.95 -12.61 -35.52
N LEU A 175 -23.66 -13.35 -34.67
CA LEU A 175 -25.13 -13.45 -34.76
C LEU A 175 -25.82 -12.35 -33.97
N GLY A 176 -25.03 -11.57 -33.24
CA GLY A 176 -25.53 -10.36 -32.59
C GLY A 176 -26.14 -10.54 -31.21
N CYS A 177 -25.55 -11.41 -30.38
CA CYS A 177 -25.98 -11.57 -29.00
C CYS A 177 -25.87 -10.25 -28.23
N LYS A 178 -26.62 -10.13 -27.14
CA LYS A 178 -26.67 -8.89 -26.37
C LYS A 178 -25.46 -8.75 -25.44
N TYR A 179 -25.02 -9.86 -24.86
CA TYR A 179 -23.89 -9.84 -23.93
C TYR A 179 -22.74 -10.74 -24.36
N TYR A 180 -21.54 -10.38 -23.90
CA TYR A 180 -20.40 -11.27 -23.93
C TYR A 180 -20.55 -12.28 -22.80
N SER A 181 -19.83 -13.39 -22.89
CA SER A 181 -19.66 -14.29 -21.77
C SER A 181 -18.25 -14.89 -21.88
N THR A 182 -17.81 -15.58 -20.83
CA THR A 182 -16.50 -16.23 -20.83
C THR A 182 -16.29 -17.09 -22.08
N ALA A 183 -17.39 -17.58 -22.66
CA ALA A 183 -17.32 -18.48 -23.81
C ALA A 183 -16.59 -17.90 -25.01
N VAL A 184 -16.66 -16.57 -25.18
CA VAL A 184 -16.03 -15.94 -26.34
C VAL A 184 -14.53 -16.15 -26.34
N ASP A 185 -13.94 -16.18 -25.14
CA ASP A 185 -12.50 -16.41 -24.98
C ASP A 185 -12.13 -17.87 -25.28
N ILE A 186 -12.96 -18.81 -24.84
CA ILE A 186 -12.77 -20.24 -25.14
C ILE A 186 -12.85 -20.52 -26.65
N TRP A 187 -13.80 -19.87 -27.32
CA TRP A 187 -13.88 -19.96 -28.77
C TRP A 187 -12.56 -19.57 -29.43
N SER A 188 -11.97 -18.49 -28.94
CA SER A 188 -10.73 -17.99 -29.51
C SER A 188 -9.60 -18.98 -29.32
N LEU A 189 -9.46 -19.52 -28.11
CA LEU A 189 -8.42 -20.52 -27.83
C LEU A 189 -8.58 -21.78 -28.69
N GLY A 190 -9.82 -22.21 -28.91
CA GLY A 190 -10.12 -23.35 -29.76
C GLY A 190 -9.64 -23.16 -31.19
N CYS A 191 -9.91 -21.97 -31.75
CA CYS A 191 -9.41 -21.59 -33.06
C CYS A 191 -7.88 -21.60 -33.12
N ILE A 192 -7.24 -21.11 -32.05
CA ILE A 192 -5.79 -21.04 -31.97
C ILE A 192 -5.17 -22.44 -31.83
N PHE A 193 -5.85 -23.28 -31.06
CA PHE A 193 -5.49 -24.68 -30.88
C PHE A 193 -5.42 -25.38 -32.23
N ALA A 194 -6.49 -25.24 -33.03
CA ALA A 194 -6.55 -25.89 -34.32
C ALA A 194 -5.49 -25.33 -35.27
N GLU A 195 -5.21 -24.04 -35.14
CA GLU A 195 -4.19 -23.38 -35.96
C GLU A 195 -2.78 -23.92 -35.69
N MET A 196 -2.47 -24.18 -34.42
CA MET A 196 -1.19 -24.78 -34.06
C MET A 196 -1.07 -26.19 -34.68
N VAL A 197 -2.18 -26.93 -34.66
CA VAL A 197 -2.22 -28.31 -35.13
C VAL A 197 -2.08 -28.40 -36.66
N THR A 198 -2.88 -27.61 -37.38
CA THR A 198 -2.96 -27.69 -38.84
C THR A 198 -1.99 -26.77 -39.58
N ARG A 199 -1.42 -25.78 -38.87
CA ARG A 199 -0.57 -24.72 -39.48
C ARG A 199 -1.37 -23.73 -40.34
N ARG A 200 -2.69 -23.79 -40.24
CA ARG A 200 -3.59 -22.97 -41.05
C ARG A 200 -4.66 -22.38 -40.16
N ALA A 201 -5.02 -21.12 -40.40
CA ALA A 201 -6.15 -20.53 -39.69
C ALA A 201 -7.40 -21.39 -39.90
N LEU A 202 -8.16 -21.64 -38.84
CA LEU A 202 -9.32 -22.51 -38.91
C LEU A 202 -10.48 -21.88 -39.69
N PHE A 203 -10.80 -20.64 -39.38
CA PHE A 203 -11.88 -19.92 -40.03
C PHE A 203 -11.41 -18.53 -40.49
N PRO A 204 -10.71 -18.45 -41.63
CA PRO A 204 -10.19 -17.16 -42.09
C PRO A 204 -11.17 -16.38 -42.99
N GLY A 205 -12.12 -15.67 -42.41
CA GLY A 205 -13.13 -14.96 -43.20
C GLY A 205 -12.72 -13.59 -43.70
N ASP A 206 -13.29 -13.18 -44.84
CA ASP A 206 -13.07 -11.84 -45.40
C ASP A 206 -13.96 -10.82 -44.70
N SER A 207 -15.14 -11.27 -44.29
CA SER A 207 -16.19 -10.41 -43.74
C SER A 207 -16.99 -11.15 -42.69
N GLU A 208 -17.85 -10.42 -41.98
CA GLU A 208 -18.70 -10.98 -40.94
C GLU A 208 -19.50 -12.16 -41.48
N ILE A 209 -20.09 -11.98 -42.67
CA ILE A 209 -20.91 -13.01 -43.27
C ILE A 209 -20.05 -14.18 -43.79
N ASP A 210 -18.88 -13.88 -44.34
CA ASP A 210 -17.97 -14.93 -44.80
C ASP A 210 -17.41 -15.73 -43.62
N GLN A 211 -17.23 -15.06 -42.49
CA GLN A 211 -16.78 -15.69 -41.25
C GLN A 211 -17.80 -16.70 -40.71
N LEU A 212 -19.06 -16.29 -40.64
CA LEU A 212 -20.14 -17.19 -40.22
C LEU A 212 -20.21 -18.42 -41.11
N PHE A 213 -20.21 -18.17 -42.42
CA PHE A 213 -20.34 -19.21 -43.42
C PHE A 213 -19.21 -20.23 -43.35
N ARG A 214 -18.00 -19.77 -43.06
CA ARG A 214 -16.86 -20.65 -42.86
C ARG A 214 -17.03 -21.50 -41.61
N ILE A 215 -17.53 -20.89 -40.55
CA ILE A 215 -17.82 -21.63 -39.33
C ILE A 215 -18.89 -22.68 -39.61
N PHE A 216 -19.96 -22.28 -40.31
CA PHE A 216 -21.06 -23.18 -40.64
C PHE A 216 -20.63 -24.37 -41.50
N ARG A 217 -19.82 -24.10 -42.53
CA ARG A 217 -19.32 -25.14 -43.42
C ARG A 217 -18.52 -26.22 -42.71
N THR A 218 -17.82 -25.83 -41.65
CA THR A 218 -17.05 -26.80 -40.87
C THR A 218 -17.92 -27.47 -39.81
N LEU A 219 -18.55 -26.67 -38.95
CA LEU A 219 -19.19 -27.21 -37.76
C LEU A 219 -20.67 -27.56 -37.95
N GLY A 220 -21.19 -27.30 -39.15
CA GLY A 220 -22.61 -27.46 -39.43
C GLY A 220 -23.37 -26.18 -39.15
N THR A 221 -24.38 -25.89 -39.96
CA THR A 221 -25.27 -24.78 -39.67
C THR A 221 -26.12 -25.13 -38.44
N PRO A 222 -26.04 -24.28 -37.39
CA PRO A 222 -26.74 -24.55 -36.14
C PRO A 222 -28.25 -24.43 -36.31
N ASP A 223 -28.99 -25.28 -35.61
CA ASP A 223 -30.45 -25.15 -35.57
C ASP A 223 -30.95 -25.02 -34.12
N GLU A 224 -32.26 -25.11 -33.92
CA GLU A 224 -32.86 -24.97 -32.60
C GLU A 224 -32.58 -26.15 -31.67
N VAL A 225 -32.29 -27.31 -32.26
CA VAL A 225 -31.93 -28.51 -31.50
C VAL A 225 -30.54 -28.32 -30.89
N VAL A 226 -29.55 -28.12 -31.76
CA VAL A 226 -28.16 -27.88 -31.38
C VAL A 226 -28.02 -26.69 -30.41
N TRP A 227 -28.63 -25.57 -30.78
CA TRP A 227 -28.45 -24.30 -30.06
C TRP A 227 -29.79 -23.57 -29.93
N PRO A 228 -30.56 -23.87 -28.86
CA PRO A 228 -31.85 -23.23 -28.62
C PRO A 228 -31.74 -21.70 -28.62
N GLY A 229 -32.66 -21.05 -29.33
CA GLY A 229 -32.70 -19.59 -29.42
C GLY A 229 -31.99 -19.01 -30.63
N VAL A 230 -31.21 -19.83 -31.34
CA VAL A 230 -30.34 -19.35 -32.43
C VAL A 230 -31.12 -18.70 -33.58
N THR A 231 -32.25 -19.28 -33.96
CA THR A 231 -33.04 -18.76 -35.07
C THR A 231 -33.81 -17.48 -34.69
N SER A 232 -33.65 -17.03 -33.44
CA SER A 232 -34.30 -15.82 -32.94
C SER A 232 -33.31 -14.66 -32.73
N MET A 233 -32.03 -14.92 -33.03
CA MET A 233 -30.95 -13.95 -32.82
C MET A 233 -30.96 -12.84 -33.86
N PRO A 234 -30.62 -11.60 -33.46
CA PRO A 234 -30.73 -10.40 -34.30
C PRO A 234 -30.17 -10.52 -35.72
N ASP A 235 -29.07 -11.27 -35.90
CA ASP A 235 -28.42 -11.33 -37.21
C ASP A 235 -28.51 -12.70 -37.88
N TYR A 236 -29.34 -13.58 -37.32
CA TYR A 236 -29.69 -14.84 -37.97
C TYR A 236 -30.64 -14.57 -39.15
N LYS A 237 -30.46 -15.33 -40.23
CA LYS A 237 -31.38 -15.28 -41.38
C LYS A 237 -31.87 -16.68 -41.73
N PRO A 238 -33.19 -16.82 -42.00
CA PRO A 238 -33.78 -18.09 -42.43
C PRO A 238 -33.13 -18.60 -43.72
N SER A 239 -32.62 -17.67 -44.53
CA SER A 239 -32.00 -18.00 -45.82
C SER A 239 -30.55 -18.50 -45.71
N PHE A 240 -30.00 -18.51 -44.50
CA PHE A 240 -28.70 -19.13 -44.28
C PHE A 240 -28.73 -20.52 -44.87
N PRO A 241 -27.70 -20.87 -45.66
CA PRO A 241 -27.51 -22.21 -46.18
C PRO A 241 -27.39 -23.21 -45.02
N LYS A 242 -27.91 -24.42 -45.22
CA LYS A 242 -27.88 -25.44 -44.18
C LYS A 242 -26.80 -26.50 -44.45
N TRP A 243 -25.60 -26.25 -43.94
CA TRP A 243 -24.45 -27.13 -44.14
C TRP A 243 -24.38 -28.29 -43.14
N ALA A 244 -23.84 -29.41 -43.60
CA ALA A 244 -23.60 -30.57 -42.75
C ALA A 244 -22.33 -30.37 -41.94
N ARG A 245 -22.37 -30.84 -40.69
CA ARG A 245 -21.19 -30.91 -39.83
C ARG A 245 -20.14 -31.87 -40.39
N GLN A 246 -18.88 -31.48 -40.29
CA GLN A 246 -17.77 -32.26 -40.85
C GLN A 246 -17.02 -33.04 -39.79
N ASP A 247 -16.71 -34.28 -40.13
CA ASP A 247 -15.93 -35.18 -39.29
C ASP A 247 -14.64 -34.48 -38.89
N PHE A 248 -14.39 -34.44 -37.59
CA PHE A 248 -13.21 -33.75 -37.03
C PHE A 248 -11.87 -34.36 -37.43
N SER A 249 -11.89 -35.64 -37.79
CA SER A 249 -10.69 -36.32 -38.27
C SER A 249 -10.23 -35.78 -39.63
N LYS A 250 -11.11 -35.03 -40.29
CA LYS A 250 -10.77 -34.39 -41.56
C LYS A 250 -10.45 -32.89 -41.37
N VAL A 251 -10.80 -32.36 -40.20
CA VAL A 251 -10.55 -30.95 -39.88
C VAL A 251 -9.21 -30.76 -39.15
N VAL A 252 -8.91 -31.65 -38.20
CA VAL A 252 -7.63 -31.66 -37.49
C VAL A 252 -7.01 -33.07 -37.48
N PRO A 253 -6.59 -33.57 -38.66
CA PRO A 253 -6.10 -34.97 -38.81
C PRO A 253 -5.09 -35.49 -37.75
N PRO A 254 -4.05 -34.70 -37.39
CA PRO A 254 -3.04 -35.31 -36.50
C PRO A 254 -3.40 -35.32 -35.00
N LEU A 255 -4.63 -34.95 -34.67
CA LEU A 255 -5.08 -35.03 -33.29
C LEU A 255 -5.67 -36.39 -32.96
N ASP A 256 -5.37 -36.87 -31.76
CA ASP A 256 -5.98 -38.09 -31.22
C ASP A 256 -7.43 -37.83 -30.78
N GLU A 257 -8.13 -38.89 -30.40
CA GLU A 257 -9.51 -38.80 -29.87
C GLU A 257 -9.69 -37.72 -28.81
N ASP A 258 -8.73 -37.60 -27.90
CA ASP A 258 -8.82 -36.64 -26.79
C ASP A 258 -8.75 -35.18 -27.23
N GLY A 259 -7.85 -34.88 -28.16
CA GLY A 259 -7.75 -33.55 -28.74
C GLY A 259 -9.00 -33.17 -29.53
N ARG A 260 -9.51 -34.11 -30.33
CA ARG A 260 -10.74 -33.86 -31.10
C ARG A 260 -11.90 -33.58 -30.15
N SER A 261 -11.92 -34.31 -29.04
CA SER A 261 -12.95 -34.15 -28.01
C SER A 261 -12.91 -32.75 -27.40
N LEU A 262 -11.72 -32.34 -26.98
CA LEU A 262 -11.55 -31.03 -26.36
C LEU A 262 -11.85 -29.91 -27.34
N LEU A 263 -11.35 -30.03 -28.57
CA LEU A 263 -11.55 -29.01 -29.59
C LEU A 263 -13.02 -28.78 -29.91
N SER A 264 -13.78 -29.87 -30.05
CA SER A 264 -15.20 -29.77 -30.35
C SER A 264 -15.99 -29.18 -29.17
N GLN A 265 -15.59 -29.50 -27.94
CA GLN A 265 -16.17 -28.86 -26.75
C GLN A 265 -15.82 -27.35 -26.66
N MET A 266 -14.61 -26.98 -27.08
CA MET A 266 -14.23 -25.57 -27.17
C MET A 266 -14.94 -24.83 -28.30
N LEU A 267 -15.34 -25.57 -29.32
CA LEU A 267 -16.03 -24.93 -30.44
C LEU A 267 -17.52 -25.20 -30.41
N HIS A 268 -18.04 -25.60 -29.25
CA HIS A 268 -19.46 -25.88 -29.07
C HIS A 268 -20.29 -24.63 -29.44
N TYR A 269 -21.40 -24.83 -30.12
CA TYR A 269 -22.20 -23.71 -30.60
C TYR A 269 -22.85 -22.90 -29.48
N ASP A 270 -23.66 -23.56 -28.65
CA ASP A 270 -24.34 -22.93 -27.52
C ASP A 270 -23.33 -22.41 -26.49
N PRO A 271 -23.22 -21.08 -26.35
CA PRO A 271 -22.22 -20.56 -25.41
C PRO A 271 -22.45 -20.96 -23.95
N ASN A 272 -23.65 -21.44 -23.62
CA ASN A 272 -23.92 -21.94 -22.28
C ASN A 272 -23.32 -23.30 -22.01
N LYS A 273 -23.11 -24.06 -23.09
CA LYS A 273 -22.64 -25.43 -22.97
C LYS A 273 -21.22 -25.61 -23.50
N ARG A 274 -20.64 -24.52 -24.00
CA ARG A 274 -19.25 -24.52 -24.41
C ARG A 274 -18.40 -24.67 -23.16
N ILE A 275 -17.48 -25.62 -23.20
CA ILE A 275 -16.60 -25.92 -22.07
C ILE A 275 -15.93 -24.65 -21.51
N SER A 276 -15.77 -24.63 -20.20
CA SER A 276 -15.04 -23.55 -19.52
C SER A 276 -13.56 -23.90 -19.47
N ALA A 277 -12.72 -22.89 -19.26
CA ALA A 277 -11.28 -23.10 -19.09
C ALA A 277 -11.03 -24.00 -17.89
N LYS A 278 -11.72 -23.73 -16.78
CA LYS A 278 -11.62 -24.54 -15.57
C LYS A 278 -11.85 -26.04 -15.89
N ALA A 279 -12.94 -26.35 -16.59
CA ALA A 279 -13.29 -27.72 -16.91
C ALA A 279 -12.37 -28.36 -17.96
N ALA A 280 -11.86 -27.53 -18.85
CA ALA A 280 -10.95 -27.99 -19.90
C ALA A 280 -9.62 -28.49 -19.34
N LEU A 281 -9.19 -27.92 -18.21
CA LEU A 281 -7.93 -28.33 -17.55
C LEU A 281 -7.97 -29.75 -17.01
N ALA A 282 -9.18 -30.31 -16.90
CA ALA A 282 -9.36 -31.65 -16.35
C ALA A 282 -9.71 -32.64 -17.46
N HIS A 283 -9.56 -32.20 -18.71
CA HIS A 283 -9.80 -33.07 -19.85
C HIS A 283 -8.67 -34.10 -19.97
N PRO A 284 -9.01 -35.38 -20.22
CA PRO A 284 -7.97 -36.42 -20.32
C PRO A 284 -6.85 -36.07 -21.32
N PHE A 285 -7.09 -35.09 -22.19
CA PHE A 285 -6.09 -34.60 -23.13
C PHE A 285 -4.81 -34.12 -22.46
N PHE A 286 -4.92 -33.59 -21.24
CA PHE A 286 -3.78 -33.04 -20.49
C PHE A 286 -3.20 -33.99 -19.44
N GLN A 287 -3.57 -35.28 -19.51
CA GLN A 287 -3.07 -36.27 -18.54
C GLN A 287 -1.55 -36.42 -18.56
N ASP A 288 -0.94 -36.24 -19.74
CA ASP A 288 0.49 -36.43 -19.89
C ASP A 288 1.22 -35.15 -20.27
N VAL A 289 0.64 -34.01 -19.91
CA VAL A 289 1.21 -32.70 -20.24
C VAL A 289 2.59 -32.51 -19.60
N THR A 290 3.55 -32.06 -20.42
CA THR A 290 4.91 -31.77 -19.96
C THR A 290 5.19 -30.31 -20.29
N LYS A 291 6.41 -29.83 -20.03
CA LYS A 291 6.78 -28.46 -20.36
C LYS A 291 8.01 -28.39 -21.31
N PRO A 292 7.80 -28.67 -22.61
CA PRO A 292 8.90 -28.65 -23.57
C PRO A 292 9.39 -27.24 -23.86
N VAL A 293 10.63 -27.12 -24.31
CA VAL A 293 11.19 -25.83 -24.66
C VAL A 293 11.08 -25.59 -26.16
N PRO A 294 10.59 -24.41 -26.58
CA PRO A 294 10.50 -24.13 -28.01
C PRO A 294 11.85 -23.82 -28.63
N HIS A 295 11.93 -23.91 -29.95
CA HIS A 295 13.09 -23.40 -30.66
C HIS A 295 12.76 -22.03 -31.28
N LEU A 296 13.30 -20.97 -30.68
CA LEU A 296 13.06 -19.61 -31.17
C LEU A 296 14.22 -19.06 -32.01
N ARG A 297 13.89 -18.31 -33.06
CA ARG A 297 14.92 -17.74 -33.96
C ARG A 297 15.44 -16.38 -33.45
N VAL B 3 -22.87 -19.31 -18.10
CA VAL B 3 -22.00 -20.45 -17.69
C VAL B 3 -21.94 -20.55 -16.16
N PRO B 4 -22.15 -21.76 -15.59
CA PRO B 4 -22.23 -21.92 -14.12
C PRO B 4 -20.89 -21.98 -13.36
N ASP B 5 -19.84 -22.47 -14.03
CA ASP B 5 -18.55 -22.81 -13.42
C ASP B 5 -17.89 -21.78 -12.49
N TYR B 6 -18.00 -20.49 -12.80
CA TYR B 6 -17.15 -19.45 -12.20
C TYR B 6 -17.81 -18.60 -11.13
N HIS B 7 -19.11 -18.79 -10.93
CA HIS B 7 -19.86 -17.94 -10.01
C HIS B 7 -19.32 -17.93 -8.58
N GLU B 8 -18.99 -19.11 -8.05
CA GLU B 8 -18.43 -19.22 -6.70
C GLU B 8 -17.10 -18.47 -6.54
N ASP B 9 -16.13 -18.78 -7.41
CA ASP B 9 -14.83 -18.12 -7.41
C ASP B 9 -14.98 -16.61 -7.49
N ILE B 10 -15.85 -16.14 -8.39
CA ILE B 10 -16.10 -14.70 -8.54
C ILE B 10 -16.67 -14.09 -7.26
N HIS B 11 -17.70 -14.72 -6.70
CA HIS B 11 -18.30 -14.24 -5.46
C HIS B 11 -17.26 -14.16 -4.33
N THR B 12 -16.50 -15.24 -4.14
CA THR B 12 -15.44 -15.28 -3.15
C THR B 12 -14.44 -14.13 -3.38
N TYR B 13 -14.13 -13.88 -4.65
CA TYR B 13 -13.17 -12.84 -5.00
C TYR B 13 -13.72 -11.46 -4.71
N LEU B 14 -15.01 -11.25 -5.00
CA LEU B 14 -15.64 -9.95 -4.77
C LEU B 14 -15.75 -9.68 -3.27
N ARG B 15 -16.06 -10.73 -2.50
CA ARG B 15 -16.12 -10.64 -1.06
C ARG B 15 -14.77 -10.22 -0.48
N GLU B 16 -13.69 -10.79 -1.02
CA GLU B 16 -12.34 -10.39 -0.69
C GLU B 16 -12.06 -8.93 -1.11
N MET B 17 -12.41 -8.59 -2.34
CA MET B 17 -12.10 -7.26 -2.89
C MET B 17 -12.86 -6.11 -2.24
N GLU B 18 -14.07 -6.38 -1.76
CA GLU B 18 -14.92 -5.32 -1.18
C GLU B 18 -14.35 -4.80 0.14
N VAL B 19 -13.56 -5.62 0.82
CA VAL B 19 -12.89 -5.20 2.05
C VAL B 19 -11.75 -4.25 1.70
N LYS B 20 -10.96 -4.59 0.69
CA LYS B 20 -9.83 -3.80 0.23
C LYS B 20 -10.26 -2.46 -0.41
N CYS B 21 -11.45 -2.43 -0.99
CA CYS B 21 -11.92 -1.25 -1.72
C CYS B 21 -12.89 -0.40 -0.91
N LYS B 22 -13.04 -0.71 0.38
CA LYS B 22 -13.97 0.07 1.22
C LYS B 22 -13.37 1.40 1.68
N PRO B 23 -14.19 2.46 1.71
CA PRO B 23 -13.74 3.72 2.31
C PRO B 23 -13.70 3.65 3.83
N LYS B 24 -13.05 4.64 4.45
CA LYS B 24 -13.04 4.76 5.91
C LYS B 24 -14.40 5.26 6.41
N VAL B 25 -14.94 4.58 7.41
CA VAL B 25 -16.33 4.80 7.85
C VAL B 25 -16.55 6.17 8.50
N GLY B 26 -15.54 6.66 9.22
CA GLY B 26 -15.65 7.96 9.88
C GLY B 26 -14.99 9.12 9.16
N TYR B 27 -14.86 9.03 7.83
CA TYR B 27 -14.16 10.04 7.05
C TYR B 27 -14.80 11.43 7.07
N MET B 28 -16.13 11.49 7.10
CA MET B 28 -16.84 12.76 7.02
C MET B 28 -16.61 13.65 8.24
N LYS B 29 -16.44 13.02 9.40
CA LYS B 29 -16.13 13.74 10.65
C LYS B 29 -14.77 14.46 10.54
N LYS B 30 -13.88 13.90 9.74
CA LYS B 30 -12.54 14.44 9.53
C LYS B 30 -12.45 15.40 8.35
N GLN B 31 -13.57 15.63 7.66
CA GLN B 31 -13.63 16.64 6.61
C GLN B 31 -14.20 17.90 7.23
N PRO B 32 -13.36 18.93 7.45
CA PRO B 32 -13.80 20.16 8.12
C PRO B 32 -14.83 21.00 7.37
N ASP B 33 -14.87 20.92 6.05
CA ASP B 33 -15.73 21.81 5.26
C ASP B 33 -16.94 21.13 4.60
N ILE B 34 -16.91 19.81 4.49
CA ILE B 34 -17.99 19.09 3.83
C ILE B 34 -18.74 18.19 4.83
N THR B 35 -20.01 17.88 4.52
CA THR B 35 -20.91 17.13 5.41
C THR B 35 -21.63 16.00 4.66
N ASN B 36 -22.20 15.07 5.42
CA ASN B 36 -23.10 14.03 4.87
C ASN B 36 -24.17 14.61 3.97
N SER B 37 -24.78 15.71 4.41
CA SER B 37 -25.83 16.38 3.66
C SER B 37 -25.35 16.82 2.27
N MET B 38 -24.16 17.43 2.21
CA MET B 38 -23.59 17.86 0.93
C MET B 38 -23.30 16.67 0.01
N ARG B 39 -22.79 15.58 0.60
CA ARG B 39 -22.54 14.34 -0.13
C ARG B 39 -23.83 13.80 -0.73
N ALA B 40 -24.90 13.85 0.06
CA ALA B 40 -26.23 13.39 -0.38
C ALA B 40 -26.70 14.19 -1.59
N ILE B 41 -26.55 15.51 -1.53
CA ILE B 41 -26.90 16.39 -2.64
C ILE B 41 -26.12 15.99 -3.89
N LEU B 42 -24.81 15.79 -3.73
CA LEU B 42 -23.93 15.41 -4.83
C LEU B 42 -24.36 14.09 -5.47
N VAL B 43 -24.53 13.05 -4.66
CA VAL B 43 -24.90 11.74 -5.20
C VAL B 43 -26.24 11.82 -5.94
N ASP B 44 -27.24 12.46 -5.31
CA ASP B 44 -28.53 12.68 -5.96
C ASP B 44 -28.37 13.34 -7.34
N TRP B 45 -27.46 14.30 -7.44
CA TRP B 45 -27.18 14.98 -8.70
C TRP B 45 -26.59 14.01 -9.71
N LEU B 46 -25.65 13.18 -9.26
CA LEU B 46 -25.04 12.18 -10.13
C LEU B 46 -26.09 11.22 -10.71
N VAL B 47 -27.09 10.86 -9.90
CA VAL B 47 -28.22 10.04 -10.35
C VAL B 47 -28.88 10.70 -11.56
N GLU B 48 -29.19 12.00 -11.42
CA GLU B 48 -29.75 12.78 -12.53
C GLU B 48 -28.85 12.75 -13.74
N VAL B 49 -27.55 12.93 -13.52
CA VAL B 49 -26.55 12.90 -14.59
C VAL B 49 -26.63 11.56 -15.32
N GLY B 50 -26.69 10.48 -14.54
CA GLY B 50 -26.87 9.13 -15.08
C GLY B 50 -28.07 8.98 -15.98
N GLU B 51 -29.21 9.52 -15.54
CA GLU B 51 -30.45 9.51 -16.32
C GLU B 51 -30.33 10.31 -17.60
N GLU B 52 -29.82 11.53 -17.47
CA GLU B 52 -29.69 12.47 -18.60
C GLU B 52 -28.78 11.93 -19.70
N TYR B 53 -27.69 11.27 -19.31
CA TYR B 53 -26.75 10.70 -20.28
C TYR B 53 -26.89 9.20 -20.50
N LYS B 54 -27.94 8.63 -19.94
CA LYS B 54 -28.31 7.21 -20.09
C LYS B 54 -27.14 6.25 -19.80
N LEU B 55 -26.53 6.46 -18.65
CA LEU B 55 -25.43 5.62 -18.21
C LEU B 55 -25.98 4.45 -17.38
N GLN B 56 -25.18 3.39 -17.27
CA GLN B 56 -25.60 2.21 -16.51
C GLN B 56 -25.63 2.53 -15.02
N ASN B 57 -26.39 1.75 -14.26
CA ASN B 57 -26.45 1.93 -12.82
C ASN B 57 -25.11 1.58 -12.18
N GLU B 58 -24.40 0.62 -12.78
CA GLU B 58 -23.07 0.26 -12.31
C GLU B 58 -22.14 1.48 -12.26
N THR B 59 -22.20 2.30 -13.31
CA THR B 59 -21.42 3.53 -13.42
C THR B 59 -21.65 4.44 -12.21
N LEU B 60 -22.92 4.67 -11.88
CA LEU B 60 -23.28 5.45 -10.69
C LEU B 60 -22.65 4.87 -9.42
N HIS B 61 -22.81 3.56 -9.23
CA HIS B 61 -22.26 2.87 -8.06
C HIS B 61 -20.76 3.02 -7.93
N LEU B 62 -20.05 2.83 -9.04
CA LEU B 62 -18.59 2.94 -9.04
C LEU B 62 -18.15 4.35 -8.69
N ALA B 63 -18.77 5.34 -9.33
CA ALA B 63 -18.48 6.75 -9.06
C ALA B 63 -18.57 7.08 -7.58
N VAL B 64 -19.64 6.63 -6.92
CA VAL B 64 -19.81 6.82 -5.47
C VAL B 64 -18.66 6.20 -4.66
N ASN B 65 -18.27 4.97 -5.02
CA ASN B 65 -17.11 4.32 -4.40
C ASN B 65 -15.84 5.16 -4.53
N TYR B 66 -15.60 5.67 -5.74
CA TYR B 66 -14.42 6.51 -5.99
C TYR B 66 -14.48 7.76 -5.13
N ILE B 67 -15.64 8.39 -5.09
CA ILE B 67 -15.83 9.60 -4.29
C ILE B 67 -15.50 9.33 -2.83
N ASP B 68 -16.10 8.28 -2.27
CA ASP B 68 -15.93 7.96 -0.86
C ASP B 68 -14.47 7.61 -0.53
N ARG B 69 -13.80 6.87 -1.41
CA ARG B 69 -12.38 6.56 -1.23
C ARG B 69 -11.51 7.82 -1.30
N PHE B 70 -11.79 8.68 -2.28
CA PHE B 70 -11.06 9.92 -2.46
C PHE B 70 -11.19 10.82 -1.22
N LEU B 71 -12.41 10.95 -0.72
CA LEU B 71 -12.66 11.77 0.46
C LEU B 71 -12.14 11.14 1.75
N SER B 72 -11.70 9.88 1.67
CA SER B 72 -11.10 9.19 2.81
C SER B 72 -9.67 9.64 3.09
N SER B 73 -9.01 10.23 2.10
CA SER B 73 -7.61 10.65 2.25
C SER B 73 -7.28 12.09 1.81
N MET B 74 -8.22 12.77 1.17
CA MET B 74 -7.98 14.14 0.72
C MET B 74 -9.01 15.10 1.30
N SER B 75 -8.53 16.18 1.90
CA SER B 75 -9.42 17.25 2.36
C SER B 75 -9.96 18.03 1.18
N VAL B 76 -11.28 18.21 1.12
CA VAL B 76 -11.91 18.93 0.04
C VAL B 76 -12.78 20.05 0.59
N LEU B 77 -12.71 21.21 -0.04
CA LEU B 77 -13.60 22.32 0.30
C LEU B 77 -14.91 22.19 -0.47
N ARG B 78 -15.99 22.72 0.11
CA ARG B 78 -17.33 22.52 -0.45
C ARG B 78 -17.44 22.95 -1.92
N GLY B 79 -16.76 24.03 -2.27
CA GLY B 79 -16.79 24.55 -3.63
C GLY B 79 -16.10 23.66 -4.64
N LYS B 80 -15.36 22.66 -4.16
CA LYS B 80 -14.61 21.73 -5.03
C LYS B 80 -15.18 20.32 -5.04
N LEU B 81 -16.13 20.03 -4.14
CA LEU B 81 -16.75 18.71 -4.03
C LEU B 81 -17.32 18.20 -5.36
N GLN B 82 -18.04 19.07 -6.06
CA GLN B 82 -18.64 18.74 -7.35
C GLN B 82 -17.57 18.40 -8.41
N LEU B 83 -16.39 18.99 -8.29
CA LEU B 83 -15.29 18.68 -9.21
C LEU B 83 -14.82 17.24 -8.99
N VAL B 84 -14.72 16.85 -7.73
CA VAL B 84 -14.40 15.46 -7.37
C VAL B 84 -15.49 14.55 -7.92
N GLY B 85 -16.75 14.94 -7.72
CA GLY B 85 -17.90 14.19 -8.22
C GLY B 85 -17.86 13.96 -9.72
N THR B 86 -17.68 15.02 -10.49
CA THR B 86 -17.64 14.95 -11.95
C THR B 86 -16.52 14.05 -12.44
N ALA B 87 -15.32 14.22 -11.87
CA ALA B 87 -14.17 13.42 -12.28
C ALA B 87 -14.40 11.94 -11.99
N ALA B 88 -15.03 11.64 -10.86
CA ALA B 88 -15.33 10.26 -10.50
C ALA B 88 -16.33 9.66 -11.49
N MET B 89 -17.37 10.42 -11.84
CA MET B 89 -18.36 9.97 -12.81
C MET B 89 -17.71 9.70 -14.17
N LEU B 90 -16.83 10.61 -14.59
CA LEU B 90 -16.11 10.46 -15.84
C LEU B 90 -15.25 9.19 -15.85
N LEU B 91 -14.52 8.96 -14.76
CA LEU B 91 -13.71 7.76 -14.59
C LEU B 91 -14.56 6.50 -14.58
N ALA B 92 -15.68 6.55 -13.86
CA ALA B 92 -16.63 5.45 -13.81
C ALA B 92 -17.19 5.13 -15.19
N SER B 93 -17.45 6.17 -15.97
CA SER B 93 -17.95 6.02 -17.33
C SER B 93 -16.91 5.34 -18.19
N LYS B 94 -15.67 5.81 -18.05
CA LYS B 94 -14.55 5.29 -18.84
C LYS B 94 -14.31 3.82 -18.54
N PHE B 95 -14.51 3.44 -17.29
CA PHE B 95 -14.34 2.06 -16.88
C PHE B 95 -15.48 1.16 -17.38
N GLU B 96 -16.71 1.63 -17.20
CA GLU B 96 -17.89 0.78 -17.32
C GLU B 96 -18.66 0.83 -18.63
N GLU B 97 -18.82 2.04 -19.17
CA GLU B 97 -19.62 2.24 -20.38
C GLU B 97 -18.99 1.61 -21.61
N ILE B 98 -19.82 1.23 -22.59
CA ILE B 98 -19.32 0.70 -23.87
C ILE B 98 -18.50 1.81 -24.49
N TYR B 99 -19.11 2.98 -24.64
CA TYR B 99 -18.33 4.20 -24.84
C TYR B 99 -18.82 5.32 -23.95
N PRO B 100 -17.88 5.99 -23.26
CA PRO B 100 -18.24 7.00 -22.29
C PRO B 100 -18.61 8.27 -23.01
N PRO B 101 -19.35 9.19 -22.35
CA PRO B 101 -19.47 10.51 -22.95
C PRO B 101 -18.09 11.15 -22.98
N GLU B 102 -17.86 11.98 -24.00
CA GLU B 102 -16.64 12.77 -24.10
C GLU B 102 -16.59 13.81 -22.97
N VAL B 103 -15.38 14.29 -22.67
CA VAL B 103 -15.16 15.22 -21.55
C VAL B 103 -16.04 16.46 -21.60
N ALA B 104 -16.21 17.03 -22.80
CA ALA B 104 -16.99 18.24 -22.99
C ALA B 104 -18.39 18.10 -22.40
N GLU B 105 -18.99 16.92 -22.56
CA GLU B 105 -20.32 16.64 -21.99
C GLU B 105 -20.30 16.70 -20.46
N PHE B 106 -19.19 16.27 -19.85
CA PHE B 106 -19.06 16.34 -18.40
C PHE B 106 -18.84 17.74 -17.85
N VAL B 107 -18.18 18.59 -18.64
CA VAL B 107 -18.06 20.01 -18.29
C VAL B 107 -19.43 20.69 -18.42
N TYR B 108 -20.22 20.27 -19.40
CA TYR B 108 -21.53 20.87 -19.66
C TYR B 108 -22.48 20.73 -18.47
N ILE B 109 -22.49 19.54 -17.85
CA ILE B 109 -23.38 19.25 -16.73
C ILE B 109 -23.03 19.99 -15.43
N THR B 110 -21.81 20.50 -15.33
CA THR B 110 -21.42 21.29 -14.16
C THR B 110 -21.98 22.70 -14.27
N ASP B 111 -22.57 23.00 -15.42
CA ASP B 111 -23.15 24.33 -15.71
C ASP B 111 -22.06 25.40 -15.75
N ASP B 112 -20.96 25.10 -16.43
CA ASP B 112 -19.80 26.00 -16.56
C ASP B 112 -19.13 26.40 -15.24
N THR B 113 -19.29 25.58 -14.20
CA THR B 113 -18.67 25.85 -12.91
C THR B 113 -17.17 25.59 -12.98
N TYR B 114 -16.77 24.49 -13.60
CA TYR B 114 -15.35 24.17 -13.81
C TYR B 114 -15.03 24.06 -15.30
N THR B 115 -13.76 24.22 -15.63
CA THR B 115 -13.30 24.16 -17.00
C THR B 115 -12.91 22.72 -17.38
N LYS B 116 -12.75 22.48 -18.68
CA LYS B 116 -12.22 21.21 -19.19
C LYS B 116 -10.93 20.82 -18.48
N LYS B 117 -10.00 21.76 -18.45
CA LYS B 117 -8.67 21.59 -17.85
C LYS B 117 -8.79 21.11 -16.40
N GLN B 118 -9.70 21.73 -15.64
CA GLN B 118 -9.93 21.34 -14.25
C GLN B 118 -10.43 19.91 -14.10
N VAL B 119 -11.38 19.50 -14.94
CA VAL B 119 -11.94 18.16 -14.88
C VAL B 119 -10.86 17.11 -15.13
N LEU B 120 -10.04 17.36 -16.16
CA LEU B 120 -8.98 16.43 -16.56
C LEU B 120 -7.88 16.29 -15.53
N ARG B 121 -7.55 17.40 -14.86
CA ARG B 121 -6.54 17.38 -13.80
C ARG B 121 -7.07 16.68 -12.56
N MET B 122 -8.36 16.88 -12.28
CA MET B 122 -9.01 16.16 -11.20
C MET B 122 -9.05 14.66 -11.49
N GLU B 123 -9.27 14.31 -12.76
CA GLU B 123 -9.23 12.92 -13.19
C GLU B 123 -7.87 12.31 -12.86
N HIS B 124 -6.81 13.01 -13.28
CA HIS B 124 -5.45 12.59 -12.99
C HIS B 124 -5.26 12.42 -11.47
N LEU B 125 -5.73 13.39 -10.69
CA LEU B 125 -5.58 13.36 -9.22
C LEU B 125 -6.30 12.18 -8.59
N VAL B 126 -7.55 11.96 -8.98
CA VAL B 126 -8.33 10.84 -8.45
C VAL B 126 -7.65 9.51 -8.77
N LEU B 127 -7.20 9.34 -10.02
CA LEU B 127 -6.44 8.16 -10.41
C LEU B 127 -5.19 7.96 -9.53
N LYS B 128 -4.44 9.04 -9.30
CA LYS B 128 -3.30 8.99 -8.42
C LYS B 128 -3.69 8.55 -7.00
N VAL B 129 -4.72 9.18 -6.44
CA VAL B 129 -5.14 8.88 -5.08
C VAL B 129 -5.68 7.46 -4.95
N LEU B 130 -6.45 7.02 -5.96
CA LEU B 130 -7.01 5.67 -5.97
C LEU B 130 -6.01 4.62 -6.46
N THR B 131 -4.79 5.06 -6.78
CA THR B 131 -3.72 4.23 -7.32
C THR B 131 -4.22 3.31 -8.44
N PHE B 132 -5.00 3.88 -9.35
CA PHE B 132 -5.56 3.16 -10.50
C PHE B 132 -6.43 1.94 -10.17
N ASP B 133 -6.78 1.73 -8.91
CA ASP B 133 -7.61 0.56 -8.57
C ASP B 133 -9.08 0.91 -8.73
N LEU B 134 -9.61 0.70 -9.93
CA LEU B 134 -10.97 1.15 -10.25
C LEU B 134 -12.04 0.07 -10.26
N ALA B 135 -11.63 -1.19 -10.36
CA ALA B 135 -12.58 -2.32 -10.43
C ALA B 135 -13.20 -2.69 -9.09
N ALA B 136 -13.85 -1.73 -8.44
CA ALA B 136 -14.43 -1.95 -7.12
C ALA B 136 -15.71 -2.76 -7.21
N PRO B 137 -15.89 -3.71 -6.27
CA PRO B 137 -17.16 -4.41 -6.17
C PRO B 137 -18.25 -3.44 -5.69
N THR B 138 -19.47 -3.61 -6.18
CA THR B 138 -20.57 -2.73 -5.84
C THR B 138 -21.82 -3.51 -5.41
N VAL B 139 -22.75 -2.82 -4.75
CA VAL B 139 -24.03 -3.42 -4.36
C VAL B 139 -24.69 -4.07 -5.60
N ASN B 140 -24.69 -3.30 -6.69
CA ASN B 140 -25.15 -3.73 -8.01
C ASN B 140 -24.56 -5.08 -8.45
N GLN B 141 -23.25 -5.24 -8.29
CA GLN B 141 -22.59 -6.49 -8.65
C GLN B 141 -23.12 -7.65 -7.83
N PHE B 142 -23.26 -7.44 -6.52
CA PHE B 142 -23.73 -8.50 -5.64
C PHE B 142 -25.17 -8.88 -5.93
N LEU B 143 -26.04 -7.89 -6.13
CA LEU B 143 -27.43 -8.18 -6.49
C LEU B 143 -27.48 -9.03 -7.75
N THR B 144 -26.70 -8.63 -8.76
CA THR B 144 -26.60 -9.39 -9.99
C THR B 144 -26.28 -10.86 -9.70
N GLN B 145 -25.29 -11.10 -8.82
CA GLN B 145 -24.95 -12.45 -8.38
C GLN B 145 -26.15 -13.08 -7.64
N TYR B 146 -26.79 -12.32 -6.75
CA TYR B 146 -27.87 -12.88 -5.94
C TYR B 146 -29.10 -13.23 -6.79
N PHE B 147 -29.37 -12.43 -7.81
CA PHE B 147 -30.54 -12.63 -8.67
C PHE B 147 -30.60 -14.00 -9.33
N LEU B 148 -29.45 -14.67 -9.46
CA LEU B 148 -29.38 -16.02 -10.04
C LEU B 148 -29.96 -17.09 -9.12
N HIS B 149 -30.24 -16.72 -7.88
CA HIS B 149 -30.79 -17.64 -6.87
C HIS B 149 -32.29 -17.45 -6.66
N GLN B 150 -32.93 -16.70 -7.55
CA GLN B 150 -34.38 -16.50 -7.52
C GLN B 150 -35.10 -17.75 -8.02
N GLN B 151 -36.24 -18.05 -7.41
CA GLN B 151 -37.06 -19.20 -7.82
C GLN B 151 -38.55 -18.85 -7.95
N PRO B 152 -39.00 -18.48 -9.17
CA PRO B 152 -38.19 -18.13 -10.34
C PRO B 152 -37.87 -16.64 -10.35
N ALA B 153 -37.28 -16.14 -11.44
CA ALA B 153 -36.91 -14.73 -11.54
C ALA B 153 -38.15 -13.82 -11.61
N ASN B 154 -38.05 -12.67 -10.96
CA ASN B 154 -39.14 -11.72 -10.88
C ASN B 154 -38.58 -10.32 -11.10
N CYS B 155 -39.02 -9.69 -12.17
CA CYS B 155 -38.51 -8.37 -12.57
CA CYS B 155 -38.49 -8.37 -12.56
C CYS B 155 -38.87 -7.26 -11.57
N LYS B 156 -40.02 -7.39 -10.93
CA LYS B 156 -40.41 -6.45 -9.87
C LYS B 156 -39.44 -6.54 -8.71
N VAL B 157 -39.13 -7.77 -8.29
CA VAL B 157 -38.18 -8.00 -7.21
C VAL B 157 -36.84 -7.37 -7.56
N GLU B 158 -36.35 -7.65 -8.78
CA GLU B 158 -35.07 -7.11 -9.23
C GLU B 158 -35.03 -5.60 -9.21
N SER B 159 -36.05 -4.94 -9.76
CA SER B 159 -36.11 -3.49 -9.83
C SER B 159 -36.17 -2.87 -8.44
N LEU B 160 -37.01 -3.42 -7.58
CA LEU B 160 -37.10 -2.94 -6.20
C LEU B 160 -35.79 -3.11 -5.42
N ALA B 161 -35.11 -4.23 -5.63
CA ALA B 161 -33.82 -4.46 -4.99
C ALA B 161 -32.81 -3.42 -5.47
N MET B 162 -32.84 -3.16 -6.76
CA MET B 162 -32.01 -2.14 -7.38
C MET B 162 -32.35 -0.76 -6.83
N PHE B 163 -33.65 -0.50 -6.65
CA PHE B 163 -34.13 0.75 -6.09
C PHE B 163 -33.61 0.98 -4.67
N LEU B 164 -33.79 -0.02 -3.81
CA LEU B 164 -33.36 0.08 -2.44
C LEU B 164 -31.84 0.23 -2.33
N GLY B 165 -31.11 -0.51 -3.16
CA GLY B 165 -29.66 -0.42 -3.21
C GLY B 165 -29.17 0.97 -3.59
N GLU B 166 -29.87 1.61 -4.53
CA GLU B 166 -29.48 2.95 -4.96
C GLU B 166 -29.73 3.98 -3.88
N LEU B 167 -30.84 3.84 -3.17
CA LEU B 167 -31.15 4.72 -2.06
C LEU B 167 -30.03 4.69 -1.03
N SER B 168 -29.41 3.53 -0.82
CA SER B 168 -28.34 3.40 0.16
C SER B 168 -27.13 4.26 -0.18
N LEU B 169 -26.97 4.61 -1.46
CA LEU B 169 -25.86 5.46 -1.90
C LEU B 169 -25.97 6.89 -1.37
N ILE B 170 -27.19 7.35 -1.14
CA ILE B 170 -27.43 8.75 -0.76
C ILE B 170 -26.96 9.10 0.65
N ASP B 171 -27.18 8.19 1.58
CA ASP B 171 -26.94 8.46 3.01
C ASP B 171 -25.69 7.75 3.56
N ALA B 172 -24.58 8.49 3.62
CA ALA B 172 -23.33 7.97 4.19
C ALA B 172 -23.53 7.44 5.61
N ASP B 173 -24.34 8.14 6.39
CA ASP B 173 -24.87 7.64 7.66
C ASP B 173 -26.28 7.12 7.39
N PRO B 174 -26.49 5.80 7.53
CA PRO B 174 -25.61 4.78 8.13
C PRO B 174 -24.81 3.89 7.16
N TYR B 175 -24.99 4.03 5.85
CA TYR B 175 -24.59 2.96 4.93
C TYR B 175 -23.10 2.68 4.74
N LEU B 176 -22.23 3.62 5.14
CA LEU B 176 -20.80 3.39 5.08
C LEU B 176 -20.36 2.32 6.07
N LYS B 177 -21.20 2.03 7.06
CA LYS B 177 -20.94 0.98 8.05
C LYS B 177 -21.06 -0.41 7.46
N TYR B 178 -21.71 -0.53 6.31
CA TYR B 178 -21.98 -1.84 5.71
C TYR B 178 -21.22 -2.06 4.41
N LEU B 179 -20.73 -3.29 4.26
CA LEU B 179 -20.13 -3.72 3.01
C LEU B 179 -21.20 -3.88 1.93
N PRO B 180 -20.82 -3.66 0.65
CA PRO B 180 -21.79 -3.85 -0.45
C PRO B 180 -22.52 -5.20 -0.42
N SER B 181 -21.84 -6.28 -0.07
CA SER B 181 -22.48 -7.61 -0.03
C SER B 181 -23.61 -7.67 1.00
N VAL B 182 -23.47 -6.89 2.07
CA VAL B 182 -24.47 -6.84 3.14
C VAL B 182 -25.67 -5.99 2.74
N ILE B 183 -25.42 -4.80 2.19
CA ILE B 183 -26.48 -3.93 1.71
C ILE B 183 -27.29 -4.69 0.66
N ALA B 184 -26.60 -5.34 -0.26
CA ALA B 184 -27.25 -6.13 -1.30
C ALA B 184 -28.08 -7.26 -0.70
N GLY B 185 -27.53 -7.91 0.32
CA GLY B 185 -28.27 -8.93 1.06
C GLY B 185 -29.60 -8.37 1.56
N ALA B 186 -29.53 -7.24 2.25
CA ALA B 186 -30.72 -6.57 2.76
C ALA B 186 -31.68 -6.15 1.64
N ALA B 187 -31.16 -5.48 0.63
CA ALA B 187 -31.99 -4.98 -0.46
C ALA B 187 -32.70 -6.15 -1.12
N PHE B 188 -31.99 -7.27 -1.28
CA PHE B 188 -32.58 -8.42 -1.93
C PHE B 188 -33.72 -9.01 -1.12
N HIS B 189 -33.50 -9.21 0.18
CA HIS B 189 -34.53 -9.78 1.04
C HIS B 189 -35.75 -8.88 1.14
N LEU B 190 -35.52 -7.58 1.26
CA LEU B 190 -36.60 -6.62 1.44
C LEU B 190 -37.47 -6.55 0.18
N ALA B 191 -36.83 -6.52 -0.99
CA ALA B 191 -37.55 -6.53 -2.25
C ALA B 191 -38.34 -7.81 -2.41
N LEU B 192 -37.68 -8.94 -2.12
CA LEU B 192 -38.30 -10.25 -2.15
C LEU B 192 -39.53 -10.33 -1.25
N TYR B 193 -39.40 -9.80 -0.02
CA TYR B 193 -40.47 -9.82 0.97
C TYR B 193 -41.64 -8.94 0.56
N THR B 194 -41.35 -7.75 0.03
CA THR B 194 -42.38 -6.80 -0.39
C THR B 194 -43.22 -7.33 -1.55
N VAL B 195 -42.55 -7.90 -2.56
CA VAL B 195 -43.21 -8.32 -3.80
C VAL B 195 -43.86 -9.70 -3.67
N THR B 196 -43.13 -10.68 -3.14
CA THR B 196 -43.57 -12.07 -3.16
C THR B 196 -43.87 -12.65 -1.78
N GLY B 197 -43.44 -11.97 -0.72
CA GLY B 197 -43.61 -12.48 0.63
C GLY B 197 -42.61 -13.56 1.03
N GLN B 198 -41.70 -13.91 0.12
CA GLN B 198 -40.64 -14.88 0.40
C GLN B 198 -39.51 -14.24 1.19
N SER B 199 -38.59 -15.06 1.69
CA SER B 199 -37.43 -14.59 2.48
C SER B 199 -36.09 -14.93 1.83
N TRP B 200 -35.05 -14.19 2.24
CA TRP B 200 -33.65 -14.51 1.99
C TRP B 200 -33.45 -16.02 1.95
N PRO B 201 -33.23 -16.60 0.74
CA PRO B 201 -33.34 -18.05 0.52
C PRO B 201 -32.18 -18.86 1.08
N GLU B 202 -32.46 -20.11 1.41
CA GLU B 202 -31.45 -21.03 1.96
C GLU B 202 -30.17 -21.09 1.13
N SER B 203 -30.29 -21.16 -0.20
CA SER B 203 -29.11 -21.23 -1.06
C SER B 203 -28.19 -20.02 -0.92
N LEU B 204 -28.75 -18.84 -0.65
CA LEU B 204 -27.92 -17.65 -0.46
C LEU B 204 -27.26 -17.62 0.93
N ILE B 205 -27.95 -18.16 1.93
CA ILE B 205 -27.37 -18.32 3.26
C ILE B 205 -26.11 -19.18 3.15
N ARG B 206 -26.22 -20.32 2.47
CA ARG B 206 -25.09 -21.23 2.28
C ARG B 206 -23.96 -20.56 1.48
N LYS B 207 -24.32 -19.85 0.41
CA LYS B 207 -23.34 -19.22 -0.47
C LYS B 207 -22.64 -18.05 0.21
N THR B 208 -23.38 -17.20 0.90
CA THR B 208 -22.80 -15.98 1.44
C THR B 208 -22.32 -16.11 2.87
N GLY B 209 -22.85 -17.10 3.60
CA GLY B 209 -22.56 -17.24 5.02
C GLY B 209 -23.41 -16.33 5.90
N TYR B 210 -24.19 -15.46 5.26
CA TYR B 210 -25.09 -14.55 5.97
C TYR B 210 -26.43 -15.20 6.27
N THR B 211 -26.79 -15.23 7.55
CA THR B 211 -28.12 -15.63 7.99
C THR B 211 -29.02 -14.42 7.88
N LEU B 212 -30.34 -14.63 7.94
CA LEU B 212 -31.27 -13.52 7.98
C LEU B 212 -31.00 -12.68 9.23
N GLU B 213 -30.73 -13.35 10.35
CA GLU B 213 -30.38 -12.69 11.61
C GLU B 213 -29.16 -11.76 11.45
N SER B 214 -28.14 -12.22 10.74
CA SER B 214 -26.93 -11.43 10.55
C SER B 214 -27.17 -10.20 9.67
N LEU B 215 -28.20 -10.26 8.82
CA LEU B 215 -28.57 -9.13 7.99
C LEU B 215 -29.47 -8.14 8.72
N LYS B 216 -29.94 -8.53 9.90
CA LYS B 216 -30.94 -7.74 10.64
C LYS B 216 -30.57 -6.26 10.84
N PRO B 217 -29.36 -5.95 11.38
CA PRO B 217 -29.04 -4.54 11.59
C PRO B 217 -29.16 -3.68 10.33
N CYS B 218 -28.66 -4.19 9.20
CA CYS B 218 -28.73 -3.46 7.94
C CYS B 218 -30.15 -3.41 7.41
N LEU B 219 -30.89 -4.50 7.58
CA LEU B 219 -32.28 -4.58 7.17
C LEU B 219 -33.14 -3.55 7.86
N MET B 220 -32.91 -3.35 9.16
CA MET B 220 -33.64 -2.35 9.95
C MET B 220 -33.38 -0.94 9.44
N ASP B 221 -32.14 -0.65 9.08
CA ASP B 221 -31.80 0.65 8.50
C ASP B 221 -32.46 0.85 7.13
N LEU B 222 -32.39 -0.17 6.29
CA LEU B 222 -32.85 -0.06 4.92
C LEU B 222 -34.37 0.05 4.87
N HIS B 223 -35.02 -0.65 5.80
CA HIS B 223 -36.46 -0.55 5.95
C HIS B 223 -36.83 0.87 6.31
N GLN B 224 -36.09 1.47 7.24
CA GLN B 224 -36.35 2.85 7.65
C GLN B 224 -36.18 3.81 6.48
N THR B 225 -35.09 3.65 5.72
CA THR B 225 -34.84 4.44 4.52
C THR B 225 -36.02 4.32 3.54
N TYR B 226 -36.40 3.08 3.25
CA TYR B 226 -37.54 2.77 2.39
C TYR B 226 -38.83 3.45 2.86
N LEU B 227 -39.19 3.25 4.14
CA LEU B 227 -40.37 3.88 4.71
C LEU B 227 -40.35 5.41 4.61
N LYS B 228 -39.18 6.02 4.82
CA LYS B 228 -39.07 7.48 4.85
C LYS B 228 -38.72 8.11 3.50
N ALA B 229 -38.60 7.27 2.46
CA ALA B 229 -38.16 7.73 1.14
C ALA B 229 -38.96 8.91 0.55
N PRO B 230 -40.30 8.89 0.62
CA PRO B 230 -41.02 10.06 0.10
C PRO B 230 -40.75 11.39 0.84
N GLN B 231 -40.18 11.32 2.05
CA GLN B 231 -39.91 12.52 2.86
C GLN B 231 -38.44 12.94 2.85
N HIS B 232 -37.61 12.19 2.14
CA HIS B 232 -36.20 12.51 2.02
C HIS B 232 -36.03 13.73 1.12
N ALA B 233 -35.11 14.62 1.51
CA ALA B 233 -34.78 15.81 0.74
C ALA B 233 -34.38 15.48 -0.71
N GLN B 234 -33.68 14.36 -0.90
CA GLN B 234 -33.23 13.91 -2.22
C GLN B 234 -34.24 12.94 -2.85
N GLN B 235 -34.71 13.31 -4.03
CA GLN B 235 -35.83 12.61 -4.67
C GLN B 235 -35.52 12.01 -6.05
N SER B 236 -34.30 12.21 -6.55
CA SER B 236 -33.97 11.79 -7.91
C SER B 236 -34.16 10.29 -8.15
N ILE B 237 -33.82 9.48 -7.15
CA ILE B 237 -33.90 8.02 -7.27
C ILE B 237 -35.36 7.55 -7.35
N ARG B 238 -36.22 8.05 -6.47
CA ARG B 238 -37.66 7.78 -6.55
C ARG B 238 -38.23 8.16 -7.90
N GLU B 239 -37.86 9.33 -8.41
CA GLU B 239 -38.34 9.79 -9.72
C GLU B 239 -37.88 8.86 -10.82
N LYS B 240 -36.61 8.44 -10.75
CA LYS B 240 -36.02 7.49 -11.68
C LYS B 240 -36.83 6.21 -11.72
N TYR B 241 -37.15 5.69 -10.54
CA TYR B 241 -37.84 4.40 -10.42
C TYR B 241 -39.37 4.45 -10.55
N LYS B 242 -39.90 5.59 -10.99
CA LYS B 242 -41.31 5.67 -11.37
C LYS B 242 -41.49 5.16 -12.80
N ASN B 243 -40.41 5.18 -13.59
CA ASN B 243 -40.45 4.73 -14.98
C ASN B 243 -40.92 3.28 -15.13
N SER B 244 -41.67 3.02 -16.20
CA SER B 244 -42.10 1.66 -16.50
C SER B 244 -40.90 0.74 -16.73
N LYS B 245 -39.79 1.32 -17.21
CA LYS B 245 -38.50 0.65 -17.31
C LYS B 245 -38.23 -0.15 -16.04
N TYR B 246 -38.41 0.47 -14.87
CA TYR B 246 -38.23 -0.21 -13.58
C TYR B 246 -39.56 -0.63 -12.93
N HIS B 247 -40.60 -0.84 -13.75
CA HIS B 247 -41.92 -1.30 -13.27
C HIS B 247 -42.53 -0.41 -12.17
N GLY B 248 -42.15 0.86 -12.16
CA GLY B 248 -42.68 1.83 -11.19
C GLY B 248 -42.62 1.38 -9.74
N VAL B 249 -41.54 0.69 -9.37
CA VAL B 249 -41.46 0.09 -8.03
C VAL B 249 -41.38 1.09 -6.88
N SER B 250 -40.88 2.29 -7.14
CA SER B 250 -40.78 3.31 -6.09
C SER B 250 -42.15 3.81 -5.63
N LEU B 251 -43.22 3.39 -6.32
CA LEU B 251 -44.59 3.69 -5.92
C LEU B 251 -45.22 2.58 -5.06
N LEU B 252 -44.52 1.46 -4.93
CA LEU B 252 -44.98 0.34 -4.11
C LEU B 252 -44.93 0.68 -2.64
N ASN B 253 -46.00 0.39 -1.92
CA ASN B 253 -46.05 0.58 -0.48
C ASN B 253 -45.15 -0.43 0.25
N PRO B 254 -44.24 0.07 1.10
CA PRO B 254 -43.41 -0.80 1.93
C PRO B 254 -44.22 -1.42 3.07
N PRO B 255 -43.90 -2.66 3.47
CA PRO B 255 -44.56 -3.28 4.62
C PRO B 255 -44.26 -2.52 5.90
N GLU B 256 -45.16 -2.55 6.89
CA GLU B 256 -44.95 -1.77 8.10
C GLU B 256 -43.93 -2.38 9.08
N THR B 257 -43.83 -3.70 9.09
CA THR B 257 -42.89 -4.43 9.97
C THR B 257 -42.24 -5.56 9.18
N LEU B 258 -41.20 -6.17 9.75
CA LEU B 258 -40.47 -7.24 9.05
C LEU B 258 -40.57 -8.65 9.67
N ASN B 259 -41.17 -8.74 10.86
CA ASN B 259 -41.34 -10.02 11.57
C ASN B 259 -40.03 -10.78 11.82
N MET C 1 3.38 18.28 -8.89
CA MET C 1 3.76 19.55 -8.20
C MET C 1 3.11 20.79 -8.83
N GLU C 2 2.47 20.58 -9.97
CA GLU C 2 1.79 21.62 -10.72
C GLU C 2 0.40 21.95 -10.16
N ASN C 3 -0.03 21.21 -9.13
CA ASN C 3 -1.36 21.38 -8.54
C ASN C 3 -1.37 22.31 -7.34
N PHE C 4 -0.20 22.85 -7.01
CA PHE C 4 -0.06 23.78 -5.90
C PHE C 4 0.19 25.20 -6.37
N GLN C 5 -0.40 26.14 -5.65
CA GLN C 5 -0.21 27.56 -5.88
C GLN C 5 0.42 28.15 -4.62
N LYS C 6 1.57 28.79 -4.78
CA LYS C 6 2.29 29.41 -3.67
C LYS C 6 1.57 30.69 -3.25
N VAL C 7 1.32 30.83 -1.95
CA VAL C 7 0.66 32.01 -1.39
C VAL C 7 1.71 32.97 -0.83
N GLU C 8 2.46 32.51 0.17
CA GLU C 8 3.53 33.29 0.78
C GLU C 8 4.63 32.41 1.35
N LYS C 9 5.84 32.94 1.43
CA LYS C 9 6.93 32.28 2.15
C LYS C 9 6.70 32.48 3.64
N ILE C 10 6.84 31.41 4.42
CA ILE C 10 6.57 31.45 5.86
C ILE C 10 7.77 31.08 6.73
N GLY C 11 8.90 30.80 6.09
CA GLY C 11 10.13 30.44 6.79
C GLY C 11 11.20 29.88 5.87
N GLU C 12 12.45 29.96 6.32
CA GLU C 12 13.59 29.45 5.55
C GLU C 12 14.81 29.18 6.42
N GLY C 13 15.69 28.31 5.92
CA GLY C 13 16.94 28.00 6.59
C GLY C 13 17.85 27.21 5.67
N THR C 14 18.88 26.61 6.26
CA THR C 14 19.90 25.85 5.52
C THR C 14 19.31 24.68 4.70
N TYR C 15 18.25 24.07 5.22
CA TYR C 15 17.45 23.04 4.50
C TYR C 15 16.88 23.52 3.14
N GLY C 16 16.33 24.73 3.12
CA GLY C 16 15.67 25.28 1.93
C GLY C 16 14.65 26.35 2.26
N VAL C 17 13.45 26.23 1.70
CA VAL C 17 12.39 27.23 1.86
C VAL C 17 11.07 26.54 2.23
N VAL C 18 10.28 27.18 3.09
CA VAL C 18 8.94 26.70 3.43
C VAL C 18 7.88 27.69 2.95
N TYR C 19 6.98 27.22 2.09
CA TYR C 19 5.92 28.05 1.51
C TYR C 19 4.56 27.70 2.08
N LYS C 20 3.70 28.70 2.23
CA LYS C 20 2.27 28.46 2.39
C LYS C 20 1.69 28.30 0.99
N ALA C 21 0.94 27.22 0.78
CA ALA C 21 0.38 26.93 -0.54
C ALA C 21 -1.02 26.32 -0.45
N ARG C 22 -1.74 26.37 -1.56
CA ARG C 22 -3.05 25.73 -1.64
C ARG C 22 -3.13 24.79 -2.84
N ASN C 23 -3.83 23.68 -2.66
CA ASN C 23 -4.12 22.72 -3.70
C ASN C 23 -5.15 23.33 -4.64
N LYS C 24 -4.77 23.53 -5.90
CA LYS C 24 -5.64 24.21 -6.85
C LYS C 24 -6.91 23.41 -7.17
N LEU C 25 -6.84 22.10 -6.94
CA LEU C 25 -7.95 21.21 -7.26
C LEU C 25 -8.87 20.94 -6.06
N THR C 26 -8.30 20.77 -4.87
CA THR C 26 -9.11 20.45 -3.69
C THR C 26 -9.39 21.65 -2.79
N GLY C 27 -8.55 22.69 -2.92
CA GLY C 27 -8.69 23.91 -2.11
C GLY C 27 -7.97 23.82 -0.78
N GLU C 28 -7.32 22.68 -0.53
CA GLU C 28 -6.63 22.45 0.74
C GLU C 28 -5.42 23.35 0.88
N VAL C 29 -5.32 24.01 2.04
CA VAL C 29 -4.17 24.86 2.38
C VAL C 29 -3.08 24.03 3.06
N VAL C 30 -1.86 24.13 2.54
CA VAL C 30 -0.75 23.32 3.02
C VAL C 30 0.51 24.13 3.27
N ALA C 31 1.48 23.47 3.91
CA ALA C 31 2.81 24.03 4.11
C ALA C 31 3.81 23.20 3.30
N LEU C 32 4.36 23.79 2.25
CA LEU C 32 5.37 23.13 1.42
C LEU C 32 6.77 23.36 1.96
N LYS C 33 7.49 22.27 2.23
CA LYS C 33 8.92 22.37 2.49
C LYS C 33 9.67 21.96 1.23
N LYS C 34 10.42 22.90 0.67
CA LYS C 34 11.19 22.68 -0.55
C LYS C 34 12.66 22.43 -0.22
N ILE C 35 13.15 21.25 -0.57
CA ILE C 35 14.54 20.86 -0.31
C ILE C 35 15.34 20.86 -1.62
N ARG C 36 16.46 21.59 -1.61
CA ARG C 36 17.21 21.91 -2.84
C ARG C 36 17.84 20.71 -3.58
N LEU C 37 18.31 19.72 -2.84
CA LEU C 37 18.86 18.46 -3.41
C LEU C 37 20.14 18.60 -4.23
N ASP C 38 21.19 17.96 -3.75
CA ASP C 38 22.45 17.84 -4.48
C ASP C 38 22.50 16.45 -5.14
N THR C 39 22.21 16.41 -6.44
CA THR C 39 22.15 15.16 -7.21
C THR C 39 23.53 14.67 -7.64
N GLU C 40 24.57 15.39 -7.19
CA GLU C 40 25.95 15.09 -7.57
C GLU C 40 26.74 14.47 -6.41
N THR C 41 26.68 15.08 -5.22
CA THR C 41 27.51 14.64 -4.11
C THR C 41 26.80 14.35 -2.78
N GLU C 42 25.51 14.63 -2.67
CA GLU C 42 24.84 14.47 -1.38
C GLU C 42 23.62 13.55 -1.36
N GLY C 43 22.78 13.63 -2.39
CA GLY C 43 21.54 12.87 -2.44
C GLY C 43 20.49 13.43 -1.50
N VAL C 44 19.61 12.57 -1.00
CA VAL C 44 18.57 13.00 -0.07
C VAL C 44 19.19 13.21 1.30
N PRO C 45 18.99 14.40 1.90
CA PRO C 45 19.62 14.70 3.20
C PRO C 45 19.20 13.75 4.31
N SER C 46 20.15 13.43 5.19
CA SER C 46 19.88 12.50 6.28
C SER C 46 18.79 12.98 7.26
N THR C 47 18.58 14.29 7.36
CA THR C 47 17.51 14.81 8.23
C THR C 47 16.15 14.64 7.59
N ALA C 48 16.07 14.74 6.26
CA ALA C 48 14.81 14.52 5.53
C ALA C 48 14.40 13.05 5.57
N ILE C 49 15.40 12.18 5.41
CA ILE C 49 15.23 10.73 5.51
C ILE C 49 14.69 10.32 6.85
N ARG C 50 15.23 10.88 7.93
CA ARG C 50 14.69 10.63 9.26
C ARG C 50 13.30 11.25 9.44
N GLU C 51 13.13 12.52 9.04
CA GLU C 51 11.86 13.21 9.20
C GLU C 51 10.72 12.50 8.49
N ILE C 52 10.91 12.17 7.22
CA ILE C 52 9.85 11.55 6.44
C ILE C 52 9.49 10.18 6.99
N SER C 53 10.49 9.31 7.16
CA SER C 53 10.25 7.92 7.55
C SER C 53 9.65 7.76 8.94
N LEU C 54 9.98 8.69 9.85
CA LEU C 54 9.40 8.68 11.19
C LEU C 54 8.01 9.30 11.19
N LEU C 55 7.87 10.46 10.56
CA LEU C 55 6.60 11.19 10.57
C LEU C 55 5.46 10.41 9.96
N LYS C 56 5.74 9.63 8.91
CA LYS C 56 4.65 8.90 8.28
C LYS C 56 4.16 7.73 9.13
N GLU C 57 4.88 7.43 10.19
CA GLU C 57 4.42 6.46 11.19
C GLU C 57 3.57 7.11 12.28
N LEU C 58 3.73 8.41 12.48
CA LEU C 58 3.12 9.10 13.61
C LEU C 58 1.86 9.86 13.22
N ASN C 59 0.75 9.16 13.05
CA ASN C 59 -0.56 9.84 12.90
C ASN C 59 -1.24 10.07 14.24
N HIS C 60 -1.36 11.34 14.62
CA HIS C 60 -1.97 11.74 15.87
C HIS C 60 -2.50 13.16 15.68
N PRO C 61 -3.65 13.49 16.30
CA PRO C 61 -4.16 14.85 16.08
C PRO C 61 -3.29 15.95 16.73
N ASN C 62 -2.28 15.54 17.51
CA ASN C 62 -1.36 16.48 18.15
C ASN C 62 0.07 16.40 17.60
N ILE C 63 0.23 15.77 16.44
CA ILE C 63 1.48 15.77 15.68
C ILE C 63 1.17 16.25 14.28
N VAL C 64 1.82 17.31 13.83
CA VAL C 64 1.62 17.85 12.49
C VAL C 64 1.63 16.71 11.48
N LYS C 65 0.64 16.69 10.59
CA LYS C 65 0.52 15.60 9.66
C LYS C 65 1.36 15.86 8.41
N LEU C 66 2.10 14.82 7.99
CA LEU C 66 2.76 14.82 6.69
C LEU C 66 1.79 14.27 5.65
N LEU C 67 1.33 15.16 4.77
CA LEU C 67 0.30 14.81 3.79
C LEU C 67 0.85 14.11 2.56
N ASP C 68 2.02 14.55 2.10
CA ASP C 68 2.58 14.06 0.84
C ASP C 68 4.09 14.32 0.71
N VAL C 69 4.74 13.45 -0.05
CA VAL C 69 6.14 13.62 -0.41
C VAL C 69 6.23 13.55 -1.93
N ILE C 70 6.58 14.65 -2.57
CA ILE C 70 6.80 14.63 -4.02
C ILE C 70 8.30 14.60 -4.30
N HIS C 71 8.75 13.52 -4.92
CA HIS C 71 10.18 13.29 -5.13
C HIS C 71 10.53 13.31 -6.62
N THR C 72 10.71 14.52 -7.16
CA THR C 72 11.19 14.68 -8.53
C THR C 72 12.69 14.33 -8.62
N GLU C 73 13.27 14.46 -9.80
CA GLU C 73 14.69 14.16 -9.99
C GLU C 73 15.58 15.24 -9.38
N ASN C 74 15.08 16.48 -9.35
CA ASN C 74 15.86 17.64 -8.90
C ASN C 74 15.48 18.24 -7.55
N LYS C 75 14.24 18.02 -7.11
CA LYS C 75 13.75 18.60 -5.87
C LYS C 75 12.97 17.60 -5.02
N LEU C 76 12.95 17.83 -3.72
CA LEU C 76 12.14 17.03 -2.80
C LEU C 76 11.18 17.93 -2.04
N TYR C 77 9.88 17.67 -2.21
CA TYR C 77 8.86 18.45 -1.51
C TYR C 77 8.24 17.67 -0.36
N LEU C 78 8.08 18.35 0.77
CA LEU C 78 7.36 17.78 1.90
C LEU C 78 6.11 18.61 2.12
N VAL C 79 4.95 17.97 1.97
CA VAL C 79 3.65 18.61 2.12
C VAL C 79 3.12 18.32 3.52
N PHE C 80 2.91 19.37 4.31
CA PHE C 80 2.36 19.27 5.67
C PHE C 80 1.00 19.95 5.77
N GLU C 81 0.18 19.55 6.73
CA GLU C 81 -1.04 20.31 7.05
C GLU C 81 -0.60 21.69 7.53
N PHE C 82 -1.38 22.71 7.18
CA PHE C 82 -1.07 24.07 7.55
C PHE C 82 -1.64 24.42 8.91
N LEU C 83 -0.80 24.97 9.76
CA LEU C 83 -1.27 25.53 11.01
C LEU C 83 -1.09 27.05 11.00
N HIS C 84 -1.71 27.74 11.95
CA HIS C 84 -1.80 29.19 11.87
CA HIS C 84 -1.83 29.20 11.93
C HIS C 84 -0.59 29.93 12.46
N GLN C 85 0.07 29.33 13.45
CA GLN C 85 1.16 30.01 14.13
C GLN C 85 1.97 29.06 14.99
N ASP C 86 3.15 29.50 15.43
CA ASP C 86 3.93 28.78 16.42
C ASP C 86 3.68 29.35 17.82
N LEU C 87 3.97 28.54 18.84
CA LEU C 87 3.74 28.96 20.23
C LEU C 87 4.61 30.15 20.65
N LYS C 88 5.78 30.28 20.01
CA LYS C 88 6.70 31.37 20.29
C LYS C 88 6.06 32.71 19.93
N LYS C 89 5.55 32.80 18.71
CA LYS C 89 4.91 34.02 18.22
C LYS C 89 3.65 34.37 19.03
N PHE C 90 3.01 33.35 19.60
CA PHE C 90 1.80 33.51 20.42
C PHE C 90 2.09 33.98 21.85
N MET C 91 3.22 33.51 22.40
CA MET C 91 3.68 33.97 23.72
C MET C 91 4.12 35.44 23.68
N ASP C 92 4.77 35.84 22.59
CA ASP C 92 5.21 37.22 22.39
C ASP C 92 4.03 38.18 22.18
N ALA C 93 2.93 37.66 21.62
CA ALA C 93 1.70 38.44 21.45
C ALA C 93 0.97 38.56 22.79
N SER C 94 1.11 37.54 23.63
CA SER C 94 0.49 37.52 24.96
C SER C 94 1.48 37.95 26.05
N ALA C 95 2.53 38.69 25.67
CA ALA C 95 3.64 39.03 26.58
C ALA C 95 3.20 39.92 27.75
N LEU C 96 2.18 40.76 27.51
CA LEU C 96 1.63 41.64 28.55
C LEU C 96 0.46 40.99 29.28
N THR C 97 -0.54 40.55 28.53
CA THR C 97 -1.75 39.98 29.11
C THR C 97 -1.48 38.63 29.76
N GLY C 98 -0.79 37.75 29.03
CA GLY C 98 -0.49 36.40 29.50
C GLY C 98 -1.51 35.40 28.98
N ILE C 99 -1.08 34.14 28.85
CA ILE C 99 -1.97 33.06 28.44
C ILE C 99 -2.79 32.60 29.64
N PRO C 100 -4.14 32.61 29.51
CA PRO C 100 -4.98 32.15 30.62
C PRO C 100 -4.66 30.70 31.02
N LEU C 101 -4.72 30.43 32.32
CA LEU C 101 -4.32 29.12 32.88
C LEU C 101 -5.09 27.92 32.30
N PRO C 102 -6.43 28.05 32.09
CA PRO C 102 -7.15 26.98 31.37
C PRO C 102 -6.56 26.61 30.00
N LEU C 103 -6.03 27.60 29.27
CA LEU C 103 -5.46 27.37 27.95
C LEU C 103 -4.07 26.74 28.04
N ILE C 104 -3.26 27.20 29.00
CA ILE C 104 -1.96 26.60 29.29
C ILE C 104 -2.13 25.11 29.57
N LYS C 105 -3.12 24.78 30.40
CA LYS C 105 -3.46 23.42 30.77
C LYS C 105 -3.84 22.58 29.55
N SER C 106 -4.65 23.18 28.67
CA SER C 106 -5.08 22.52 27.44
C SER C 106 -3.87 22.21 26.57
N TYR C 107 -3.06 23.23 26.31
CA TYR C 107 -1.87 23.07 25.48
C TYR C 107 -0.93 22.01 26.01
N LEU C 108 -0.67 22.02 27.31
CA LEU C 108 0.23 21.04 27.91
C LEU C 108 -0.34 19.63 27.81
N PHE C 109 -1.63 19.49 28.09
CA PHE C 109 -2.35 18.22 27.93
C PHE C 109 -2.16 17.66 26.51
N GLN C 110 -2.30 18.53 25.51
CA GLN C 110 -2.19 18.09 24.11
C GLN C 110 -0.76 17.75 23.71
N LEU C 111 0.19 18.59 24.11
CA LEU C 111 1.60 18.33 23.84
C LEU C 111 2.03 16.99 24.45
N LEU C 112 1.56 16.71 25.67
CA LEU C 112 1.87 15.44 26.33
C LEU C 112 1.28 14.24 25.61
N GLN C 113 0.11 14.42 25.01
CA GLN C 113 -0.50 13.37 24.19
C GLN C 113 0.31 13.11 22.92
N GLY C 114 0.68 14.17 22.21
CA GLY C 114 1.53 14.03 21.04
C GLY C 114 2.88 13.42 21.37
N LEU C 115 3.42 13.79 22.53
CA LEU C 115 4.69 13.25 22.98
C LEU C 115 4.58 11.80 23.46
N ALA C 116 3.48 11.46 24.14
CA ALA C 116 3.28 10.09 24.60
C ALA C 116 3.23 9.15 23.41
N PHE C 117 2.58 9.63 22.34
CA PHE C 117 2.45 8.85 21.13
C PHE C 117 3.81 8.60 20.50
N CYS C 118 4.61 9.66 20.39
CA CYS C 118 5.96 9.56 19.89
C CYS C 118 6.74 8.48 20.63
N HIS C 119 6.81 8.61 21.96
CA HIS C 119 7.62 7.73 22.80
C HIS C 119 7.20 6.27 22.77
N SER C 120 5.90 6.03 22.65
CA SER C 120 5.38 4.66 22.55
C SER C 120 5.58 4.08 21.16
N HIS C 121 5.97 4.93 20.21
CA HIS C 121 6.29 4.52 18.87
C HIS C 121 7.78 4.68 18.62
N ARG C 122 8.54 4.57 19.72
CA ARG C 122 10.00 4.66 19.73
C ARG C 122 10.61 5.83 18.96
N VAL C 123 9.98 7.00 19.01
CA VAL C 123 10.51 8.19 18.37
C VAL C 123 10.81 9.26 19.40
N LEU C 124 12.07 9.68 19.47
CA LEU C 124 12.47 10.83 20.27
C LEU C 124 12.44 12.08 19.42
N HIS C 125 11.82 13.16 19.93
CA HIS C 125 11.76 14.41 19.18
C HIS C 125 13.09 15.15 19.20
N ARG C 126 13.56 15.44 20.43
CA ARG C 126 14.87 16.04 20.73
C ARG C 126 14.97 17.56 20.67
N ASP C 127 14.02 18.18 19.97
CA ASP C 127 14.07 19.61 19.78
C ASP C 127 12.72 20.27 20.07
N LEU C 128 12.21 20.02 21.28
CA LEU C 128 10.96 20.64 21.71
C LEU C 128 11.19 22.04 22.25
N LYS C 129 10.76 23.03 21.46
CA LYS C 129 10.88 24.44 21.80
C LYS C 129 9.65 25.16 21.21
N PRO C 130 9.23 26.29 21.82
CA PRO C 130 7.99 26.97 21.45
C PRO C 130 7.82 27.28 19.97
N GLN C 131 8.91 27.49 19.23
CA GLN C 131 8.78 27.77 17.80
C GLN C 131 8.63 26.52 16.93
N ASN C 132 8.75 25.36 17.58
CA ASN C 132 8.52 24.06 16.93
C ASN C 132 7.16 23.45 17.28
N LEU C 133 6.36 24.18 18.03
CA LEU C 133 5.03 23.75 18.41
C LEU C 133 4.01 24.65 17.74
N LEU C 134 3.06 24.06 17.04
CA LEU C 134 2.17 24.84 16.21
C LEU C 134 0.73 24.82 16.70
N ILE C 135 0.04 25.94 16.51
CA ILE C 135 -1.34 26.13 16.95
C ILE C 135 -2.26 26.56 15.81
N ASN C 136 -3.54 26.21 15.93
CA ASN C 136 -4.58 26.69 15.00
C ASN C 136 -5.68 27.49 15.73
N THR C 137 -6.64 28.01 14.97
CA THR C 137 -7.76 28.79 15.53
C THR C 137 -8.73 27.93 16.35
N GLU C 138 -8.91 26.67 15.94
CA GLU C 138 -9.77 25.71 16.63
C GLU C 138 -9.31 25.39 18.07
N GLY C 139 -8.08 25.75 18.40
CA GLY C 139 -7.57 25.61 19.77
C GLY C 139 -6.59 24.47 19.96
N ALA C 140 -6.15 23.88 18.86
CA ALA C 140 -5.24 22.73 18.92
C ALA C 140 -3.78 23.16 18.89
N ILE C 141 -2.93 22.37 19.53
CA ILE C 141 -1.48 22.51 19.45
C ILE C 141 -0.84 21.19 19.04
N LYS C 142 0.11 21.25 18.11
CA LYS C 142 0.73 20.06 17.52
C LYS C 142 2.26 20.11 17.54
N LEU C 143 2.91 18.96 17.72
CA LEU C 143 4.36 18.89 17.63
C LEU C 143 4.76 18.95 16.16
N ALA C 144 5.81 19.71 15.87
CA ALA C 144 6.32 19.86 14.52
C ALA C 144 7.84 19.76 14.48
N ASP C 145 8.38 19.85 13.27
CA ASP C 145 9.81 19.78 12.99
C ASP C 145 10.52 18.57 13.59
N PHE C 146 10.34 17.42 12.94
CA PHE C 146 11.00 16.19 13.34
C PHE C 146 12.37 16.01 12.67
N GLY C 147 12.99 17.11 12.29
CA GLY C 147 14.26 17.10 11.57
C GLY C 147 15.39 16.46 12.36
N LEU C 148 15.33 16.64 13.68
CA LEU C 148 16.30 16.04 14.59
C LEU C 148 15.76 14.80 15.32
N ALA C 149 14.57 14.32 14.94
CA ALA C 149 13.98 13.15 15.61
C ALA C 149 14.76 11.86 15.32
N ARG C 150 14.72 10.93 16.27
CA ARG C 150 15.46 9.68 16.17
C ARG C 150 14.64 8.51 16.68
N ALA C 151 14.72 7.38 15.99
CA ALA C 151 14.16 6.13 16.49
C ALA C 151 15.06 5.55 17.58
N PHE C 152 14.49 5.10 18.69
CA PHE C 152 15.31 4.53 19.77
C PHE C 152 15.08 3.05 20.10
N GLY C 153 14.82 2.25 19.07
CA GLY C 153 14.78 0.79 19.21
C GLY C 153 16.10 0.28 19.74
N VAL C 154 17.18 0.93 19.33
CA VAL C 154 18.49 0.80 19.97
C VAL C 154 18.77 2.15 20.62
N PRO C 155 19.54 2.19 21.71
CA PRO C 155 19.73 3.47 22.42
C PRO C 155 20.46 4.48 21.55
N VAL C 156 20.09 5.75 21.68
CA VAL C 156 20.65 6.81 20.85
C VAL C 156 21.76 7.57 21.57
N ARG C 157 22.96 7.52 20.98
CA ARG C 157 24.12 8.18 21.56
C ARG C 157 24.04 9.70 21.49
N THR C 158 24.54 10.36 22.53
CA THR C 158 24.59 11.82 22.56
C THR C 158 25.68 12.35 21.64
N TYR C 159 25.31 13.35 20.86
CA TYR C 159 26.23 14.10 20.01
C TYR C 159 27.34 14.63 20.91
N THR C 160 28.59 14.39 20.54
CA THR C 160 29.69 14.96 21.31
C THR C 160 29.72 16.50 21.20
N HIS C 161 29.18 17.03 20.11
CA HIS C 161 28.83 18.45 20.02
C HIS C 161 27.31 18.59 19.89
N GLU C 162 26.66 18.94 21.00
CA GLU C 162 25.19 19.04 21.08
C GLU C 162 24.62 20.10 20.13
N VAL C 163 23.47 19.77 19.52
CA VAL C 163 22.82 20.64 18.53
C VAL C 163 21.44 21.08 19.01
N VAL C 164 20.82 20.25 19.86
CA VAL C 164 19.67 20.64 20.70
C VAL C 164 19.89 22.04 21.30
N THR C 165 18.91 22.93 21.10
CA THR C 165 18.95 24.29 21.65
C THR C 165 19.18 24.29 23.17
N LEU C 166 20.06 25.19 23.62
CA LEU C 166 20.60 25.21 24.97
C LEU C 166 19.57 25.41 26.10
N TRP C 167 18.64 26.34 25.90
CA TRP C 167 17.66 26.70 26.92
C TRP C 167 16.78 25.54 27.40
N TYR C 168 16.51 24.59 26.50
CA TYR C 168 15.57 23.51 26.80
C TYR C 168 16.28 22.16 27.00
N ARG C 169 17.59 22.22 27.18
CA ARG C 169 18.43 21.04 27.32
C ARG C 169 18.38 20.45 28.73
N ALA C 170 18.18 19.13 28.81
CA ALA C 170 18.16 18.40 30.07
C ALA C 170 19.51 18.43 30.78
N PRO C 171 19.51 18.39 32.13
CA PRO C 171 20.78 18.42 32.87
C PRO C 171 21.67 17.19 32.63
N GLU C 172 21.07 16.04 32.40
CA GLU C 172 21.85 14.83 32.09
C GLU C 172 22.72 15.03 30.82
N ILE C 173 22.20 15.77 29.84
CA ILE C 173 22.96 16.04 28.62
C ILE C 173 24.16 16.95 28.90
N LEU C 174 23.93 18.00 29.67
CA LEU C 174 24.97 18.96 30.03
C LEU C 174 26.03 18.30 30.91
N LEU C 175 25.61 17.34 31.73
CA LEU C 175 26.53 16.62 32.61
C LEU C 175 27.26 15.48 31.89
N GLY C 176 26.86 15.23 30.65
CA GLY C 176 27.63 14.40 29.73
C GLY C 176 27.24 12.94 29.59
N CYS C 177 25.96 12.63 29.74
CA CYS C 177 25.49 11.25 29.67
C CYS C 177 25.75 10.67 28.28
N LYS C 178 25.93 9.35 28.25
CA LYS C 178 26.25 8.64 27.01
C LYS C 178 25.08 8.55 26.02
N TYR C 179 23.85 8.49 26.53
CA TYR C 179 22.67 8.29 25.68
C TYR C 179 21.54 9.26 26.01
N TYR C 180 20.72 9.54 25.00
CA TYR C 180 19.44 10.20 25.22
C TYR C 180 18.43 9.20 25.78
N SER C 181 17.37 9.72 26.38
CA SER C 181 16.21 8.91 26.76
C SER C 181 14.98 9.79 26.58
N THR C 182 13.80 9.19 26.73
CA THR C 182 12.53 9.90 26.60
C THR C 182 12.47 11.12 27.52
N ALA C 183 13.22 11.04 28.61
CA ALA C 183 13.22 12.08 29.64
C ALA C 183 13.69 13.45 29.15
N VAL C 184 14.53 13.49 28.12
CA VAL C 184 15.02 14.78 27.62
C VAL C 184 13.89 15.58 26.97
N ASP C 185 12.92 14.89 26.38
CA ASP C 185 11.75 15.55 25.80
C ASP C 185 10.84 16.12 26.88
N ILE C 186 10.57 15.34 27.93
CA ILE C 186 9.77 15.79 29.06
C ILE C 186 10.37 17.07 29.66
N TRP C 187 11.67 17.03 29.92
CA TRP C 187 12.40 18.19 30.46
C TRP C 187 12.09 19.45 29.67
N SER C 188 12.17 19.35 28.34
CA SER C 188 11.88 20.47 27.46
C SER C 188 10.45 20.97 27.63
N LEU C 189 9.48 20.05 27.62
CA LEU C 189 8.10 20.44 27.84
C LEU C 189 7.92 21.14 29.18
N GLY C 190 8.60 20.62 30.21
CA GLY C 190 8.62 21.25 31.53
C GLY C 190 9.06 22.71 31.49
N CYS C 191 10.18 22.96 30.81
CA CYS C 191 10.65 24.33 30.59
C CYS C 191 9.61 25.16 29.86
N ILE C 192 8.98 24.56 28.86
CA ILE C 192 7.96 25.24 28.06
C ILE C 192 6.73 25.52 28.91
N PHE C 193 6.35 24.53 29.72
CA PHE C 193 5.25 24.68 30.66
C PHE C 193 5.48 25.88 31.58
N ALA C 194 6.64 25.94 32.23
CA ALA C 194 6.96 27.06 33.11
C ALA C 194 7.06 28.37 32.35
N GLU C 195 7.43 28.28 31.07
CA GLU C 195 7.57 29.47 30.23
C GLU C 195 6.22 30.11 29.91
N MET C 196 5.23 29.26 29.62
CA MET C 196 3.87 29.73 29.35
C MET C 196 3.29 30.46 30.55
N VAL C 197 3.53 29.91 31.74
CA VAL C 197 3.05 30.47 32.99
C VAL C 197 3.67 31.85 33.32
N THR C 198 4.99 31.97 33.14
CA THR C 198 5.72 33.18 33.56
C THR C 198 5.94 34.24 32.48
N ARG C 199 5.80 33.86 31.20
CA ARG C 199 6.09 34.75 30.05
C ARG C 199 7.58 35.05 29.94
N ARG C 200 8.41 34.16 30.48
CA ARG C 200 9.86 34.31 30.46
C ARG C 200 10.49 32.92 30.45
N ALA C 201 11.49 32.74 29.60
CA ALA C 201 12.22 31.47 29.54
C ALA C 201 12.74 31.11 30.92
N LEU C 202 12.58 29.85 31.29
CA LEU C 202 12.91 29.40 32.63
C LEU C 202 14.41 29.42 32.89
N PHE C 203 15.17 28.84 31.96
CA PHE C 203 16.62 28.78 32.06
C PHE C 203 17.24 29.33 30.77
N PRO C 204 17.41 30.66 30.69
CA PRO C 204 17.99 31.24 29.50
C PRO C 204 19.52 31.36 29.56
N GLY C 205 20.21 30.24 29.42
CA GLY C 205 21.67 30.18 29.55
C GLY C 205 22.48 30.83 28.44
N ASP C 206 23.64 31.38 28.83
CA ASP C 206 24.61 31.97 27.90
C ASP C 206 25.50 30.91 27.27
N SER C 207 25.68 29.80 27.98
CA SER C 207 26.67 28.78 27.64
C SER C 207 26.30 27.49 28.35
N GLU C 208 27.04 26.41 28.06
CA GLU C 208 26.79 25.11 28.68
C GLU C 208 26.88 25.19 30.21
N ILE C 209 27.95 25.81 30.69
CA ILE C 209 28.19 25.94 32.12
C ILE C 209 27.20 26.90 32.80
N ASP C 210 26.88 28.00 32.12
CA ASP C 210 25.87 28.95 32.62
C ASP C 210 24.48 28.31 32.66
N GLN C 211 24.16 27.51 31.65
CA GLN C 211 22.87 26.82 31.59
C GLN C 211 22.71 25.92 32.81
N LEU C 212 23.69 25.05 33.01
CA LEU C 212 23.69 24.10 34.12
C LEU C 212 23.50 24.81 35.44
N PHE C 213 24.24 25.90 35.65
CA PHE C 213 24.15 26.65 36.90
C PHE C 213 22.80 27.35 37.09
N ARG C 214 22.16 27.76 35.99
CA ARG C 214 20.84 28.38 36.10
C ARG C 214 19.84 27.38 36.63
N ILE C 215 19.90 26.15 36.12
CA ILE C 215 19.09 25.04 36.60
C ILE C 215 19.35 24.85 38.09
N PHE C 216 20.63 24.71 38.44
CA PHE C 216 21.07 24.51 39.82
C PHE C 216 20.51 25.57 40.76
N ARG C 217 20.52 26.83 40.35
CA ARG C 217 20.09 27.93 41.22
C ARG C 217 18.58 27.93 41.49
N THR C 218 17.81 27.28 40.62
CA THR C 218 16.38 27.15 40.79
C THR C 218 16.04 25.84 41.53
N LEU C 219 16.55 24.73 41.02
CA LEU C 219 16.13 23.41 41.50
C LEU C 219 17.03 22.86 42.59
N GLY C 220 18.10 23.60 42.91
CA GLY C 220 19.10 23.14 43.87
C GLY C 220 20.20 22.38 43.17
N THR C 221 21.36 22.30 43.81
CA THR C 221 22.45 21.49 43.28
C THR C 221 22.17 20.01 43.62
N PRO C 222 22.14 19.15 42.60
CA PRO C 222 21.95 17.72 42.77
C PRO C 222 23.12 17.02 43.48
N ASP C 223 22.79 16.00 44.26
CA ASP C 223 23.77 15.13 44.91
C ASP C 223 23.32 13.66 44.87
N GLU C 224 24.16 12.76 45.38
CA GLU C 224 23.92 11.31 45.32
C GLU C 224 22.57 10.85 45.90
N VAL C 225 22.03 11.60 46.85
CA VAL C 225 20.72 11.27 47.44
C VAL C 225 19.59 11.59 46.46
N VAL C 226 19.66 12.77 45.84
CA VAL C 226 18.64 13.23 44.89
C VAL C 226 18.81 12.56 43.52
N TRP C 227 20.05 12.21 43.19
CA TRP C 227 20.39 11.66 41.89
C TRP C 227 21.57 10.70 42.00
N PRO C 228 21.31 9.41 42.30
CA PRO C 228 22.39 8.42 42.37
C PRO C 228 23.22 8.37 41.07
N GLY C 229 24.54 8.45 41.23
CA GLY C 229 25.45 8.40 40.09
C GLY C 229 25.83 9.74 39.47
N VAL C 230 25.23 10.82 39.96
CA VAL C 230 25.46 12.17 39.42
C VAL C 230 26.92 12.63 39.54
N THR C 231 27.60 12.21 40.62
CA THR C 231 28.97 12.66 40.88
C THR C 231 30.02 11.78 40.18
N SER C 232 29.54 10.91 39.30
CA SER C 232 30.40 10.03 38.52
C SER C 232 30.27 10.37 37.02
N MET C 233 29.29 11.22 36.69
CA MET C 233 29.02 11.66 35.32
C MET C 233 30.18 12.46 34.73
N PRO C 234 30.51 12.21 33.44
CA PRO C 234 31.68 12.76 32.75
C PRO C 234 31.99 14.25 32.98
N ASP C 235 30.97 15.10 32.95
CA ASP C 235 31.19 16.54 33.01
C ASP C 235 30.79 17.18 34.35
N TYR C 236 30.39 16.36 35.31
CA TYR C 236 30.21 16.82 36.69
C TYR C 236 31.55 17.08 37.34
N LYS C 237 31.62 18.15 38.13
CA LYS C 237 32.81 18.45 38.92
C LYS C 237 32.44 18.54 40.40
N PRO C 238 33.32 18.06 41.30
CA PRO C 238 33.06 18.18 42.73
C PRO C 238 33.14 19.62 43.21
N SER C 239 33.85 20.46 42.45
CA SER C 239 34.02 21.87 42.78
C SER C 239 32.75 22.71 42.61
N PHE C 240 31.72 22.13 41.97
CA PHE C 240 30.43 22.80 41.75
C PHE C 240 29.88 23.40 43.02
N PRO C 241 29.43 24.66 42.97
CA PRO C 241 28.85 25.33 44.14
C PRO C 241 27.51 24.73 44.53
N LYS C 242 27.18 24.82 45.81
CA LYS C 242 25.96 24.24 46.35
C LYS C 242 24.87 25.29 46.48
N TRP C 243 23.82 25.14 45.69
CA TRP C 243 22.65 26.01 45.78
C TRP C 243 21.48 25.28 46.43
N ALA C 244 20.71 26.03 47.21
CA ALA C 244 19.49 25.51 47.81
C ALA C 244 18.40 25.45 46.75
N ARG C 245 17.53 24.46 46.85
CA ARG C 245 16.35 24.38 45.98
C ARG C 245 15.41 25.54 46.33
N GLN C 246 14.90 26.20 45.30
CA GLN C 246 13.96 27.30 45.49
C GLN C 246 12.54 26.79 45.70
N ASP C 247 11.73 27.60 46.38
CA ASP C 247 10.31 27.29 46.57
C ASP C 247 9.60 27.51 45.25
N PHE C 248 8.78 26.54 44.85
CA PHE C 248 8.12 26.59 43.55
C PHE C 248 7.03 27.66 43.44
N SER C 249 6.50 28.09 44.58
CA SER C 249 5.55 29.20 44.61
C SER C 249 6.23 30.54 44.32
N LYS C 250 7.56 30.52 44.24
CA LYS C 250 8.35 31.69 43.82
C LYS C 250 8.83 31.55 42.37
N VAL C 251 9.05 30.31 41.94
CA VAL C 251 9.46 30.04 40.57
C VAL C 251 8.27 30.19 39.62
N VAL C 252 7.11 29.68 40.04
CA VAL C 252 5.88 29.80 39.25
C VAL C 252 4.68 30.24 40.10
N PRO C 253 4.63 31.55 40.45
CA PRO C 253 3.56 32.09 41.29
C PRO C 253 2.13 31.76 40.84
N PRO C 254 1.79 31.96 39.54
CA PRO C 254 0.37 31.79 39.15
C PRO C 254 -0.18 30.37 39.20
N LEU C 255 0.69 29.36 39.32
CA LEU C 255 0.25 27.96 39.34
C LEU C 255 -0.27 27.50 40.70
N ASP C 256 -1.33 26.69 40.67
CA ASP C 256 -1.86 26.05 41.86
C ASP C 256 -0.98 24.86 42.28
N GLU C 257 -1.37 24.19 43.37
CA GLU C 257 -0.62 23.05 43.91
C GLU C 257 -0.34 21.95 42.89
N ASP C 258 -1.34 21.64 42.07
CA ASP C 258 -1.24 20.62 41.02
C ASP C 258 -0.21 21.00 39.97
N GLY C 259 -0.25 22.26 39.53
CA GLY C 259 0.73 22.80 38.59
C GLY C 259 2.15 22.66 39.07
N ARG C 260 2.39 23.05 40.33
CA ARG C 260 3.71 22.93 40.95
C ARG C 260 4.20 21.48 40.98
N SER C 261 3.32 20.58 41.42
CA SER C 261 3.64 19.16 41.52
C SER C 261 4.05 18.59 40.17
N LEU C 262 3.25 18.85 39.15
CA LEU C 262 3.53 18.33 37.81
C LEU C 262 4.83 18.92 37.27
N LEU C 263 4.97 20.24 37.36
CA LEU C 263 6.18 20.90 36.89
C LEU C 263 7.44 20.33 37.55
N SER C 264 7.38 20.11 38.86
CA SER C 264 8.53 19.58 39.60
C SER C 264 8.85 18.15 39.22
N GLN C 265 7.81 17.37 38.94
CA GLN C 265 7.99 15.99 38.47
C GLN C 265 8.59 15.95 37.06
N MET C 266 8.21 16.91 36.22
CA MET C 266 8.75 17.03 34.86
C MET C 266 10.19 17.53 34.85
N LEU C 267 10.56 18.27 35.90
CA LEU C 267 11.92 18.80 36.02
C LEU C 267 12.77 18.01 37.01
N HIS C 268 12.26 16.86 37.45
CA HIS C 268 12.99 15.95 38.31
C HIS C 268 14.41 15.71 37.77
N TYR C 269 15.40 15.64 38.66
CA TYR C 269 16.79 15.50 38.22
C TYR C 269 17.14 14.13 37.63
N ASP C 270 16.83 13.05 38.36
CA ASP C 270 17.15 11.70 37.88
C ASP C 270 16.26 11.33 36.71
N PRO C 271 16.85 11.21 35.50
CA PRO C 271 16.08 10.90 34.30
C PRO C 271 15.27 9.62 34.45
N ASN C 272 15.72 8.70 35.31
CA ASN C 272 14.98 7.45 35.57
C ASN C 272 13.71 7.65 36.40
N LYS C 273 13.67 8.71 37.21
CA LYS C 273 12.51 8.98 38.07
C LYS C 273 11.71 10.19 37.59
N ARG C 274 12.14 10.80 36.49
CA ARG C 274 11.42 11.91 35.87
C ARG C 274 10.13 11.36 35.23
N ILE C 275 9.01 12.06 35.49
CA ILE C 275 7.69 11.64 35.01
C ILE C 275 7.65 11.40 33.49
N SER C 276 6.97 10.33 33.08
CA SER C 276 6.76 10.06 31.66
C SER C 276 5.54 10.83 31.17
N ALA C 277 5.39 10.95 29.86
CA ALA C 277 4.26 11.66 29.26
C ALA C 277 2.97 10.92 29.57
N LYS C 278 3.04 9.60 29.46
CA LYS C 278 1.91 8.72 29.77
C LYS C 278 1.41 9.01 31.17
N ALA C 279 2.34 9.07 32.12
CA ALA C 279 2.00 9.22 33.55
C ALA C 279 1.53 10.64 33.90
N ALA C 280 2.03 11.63 33.16
CA ALA C 280 1.66 13.02 33.38
C ALA C 280 0.20 13.26 33.01
N LEU C 281 -0.26 12.54 31.98
CA LEU C 281 -1.63 12.65 31.52
C LEU C 281 -2.63 12.20 32.60
N ALA C 282 -2.17 11.36 33.51
CA ALA C 282 -2.99 10.88 34.63
C ALA C 282 -3.01 11.85 35.81
N HIS C 283 -1.98 12.68 35.91
CA HIS C 283 -1.82 13.61 37.04
C HIS C 283 -3.10 14.42 37.35
N PRO C 284 -3.43 14.56 38.64
CA PRO C 284 -4.51 15.40 39.15
C PRO C 284 -4.70 16.76 38.45
N PHE C 285 -3.62 17.31 37.88
CA PHE C 285 -3.65 18.62 37.22
C PHE C 285 -4.64 18.69 36.05
N PHE C 286 -4.79 17.58 35.34
CA PHE C 286 -5.67 17.51 34.18
C PHE C 286 -7.04 16.89 34.49
N GLN C 287 -7.41 16.84 35.77
CA GLN C 287 -8.71 16.30 36.17
C GLN C 287 -9.88 17.08 35.59
N ASP C 288 -9.63 18.36 35.30
CA ASP C 288 -10.67 19.29 34.83
C ASP C 288 -10.28 20.06 33.56
N VAL C 289 -9.50 19.42 32.69
CA VAL C 289 -9.03 20.06 31.46
C VAL C 289 -10.17 20.35 30.48
N THR C 290 -10.12 21.52 29.84
CA THR C 290 -11.03 21.88 28.75
C THR C 290 -10.25 22.23 27.48
N LYS C 291 -10.96 22.58 26.40
CA LYS C 291 -10.33 23.01 25.16
C LYS C 291 -10.76 24.43 24.76
N PRO C 292 -10.16 25.46 25.39
CA PRO C 292 -10.50 26.85 25.05
C PRO C 292 -9.93 27.28 23.70
N VAL C 293 -10.62 28.22 23.04
CA VAL C 293 -10.14 28.83 21.80
C VAL C 293 -9.28 30.07 22.09
N PRO C 294 -8.13 30.21 21.41
CA PRO C 294 -7.31 31.40 21.58
C PRO C 294 -7.76 32.56 20.67
N HIS C 295 -7.36 33.78 21.02
CA HIS C 295 -7.57 34.94 20.15
C HIS C 295 -6.29 35.22 19.35
N LEU C 296 -6.30 34.80 18.09
CA LEU C 296 -5.13 34.96 17.21
C LEU C 296 -5.46 35.83 15.99
N TYR D 6 6.64 2.44 29.12
CA TYR D 6 6.82 2.67 27.65
C TYR D 6 7.53 1.50 26.94
N HIS D 7 8.34 0.75 27.67
CA HIS D 7 9.11 -0.38 27.09
C HIS D 7 8.21 -1.49 26.55
N GLU D 8 7.15 -1.79 27.30
CA GLU D 8 6.08 -2.69 26.87
C GLU D 8 5.46 -2.22 25.56
N ASP D 9 5.05 -0.95 25.53
CA ASP D 9 4.47 -0.34 24.33
C ASP D 9 5.41 -0.43 23.12
N ILE D 10 6.70 -0.13 23.32
CA ILE D 10 7.67 -0.21 22.24
C ILE D 10 7.79 -1.64 21.72
N HIS D 11 7.94 -2.61 22.62
CA HIS D 11 8.05 -4.01 22.22
C HIS D 11 6.82 -4.45 21.40
N THR D 12 5.62 -4.16 21.91
CA THR D 12 4.38 -4.46 21.21
C THR D 12 4.35 -3.82 19.82
N TYR D 13 4.80 -2.57 19.74
CA TYR D 13 4.81 -1.84 18.49
C TYR D 13 5.81 -2.43 17.50
N LEU D 14 6.98 -2.84 18.00
CA LEU D 14 7.99 -3.46 17.17
C LEU D 14 7.53 -4.83 16.64
N ARG D 15 6.83 -5.56 17.51
CA ARG D 15 6.25 -6.86 17.14
C ARG D 15 5.22 -6.69 16.04
N GLU D 16 4.43 -5.63 16.15
CA GLU D 16 3.49 -5.23 15.11
C GLU D 16 4.21 -4.81 13.82
N MET D 17 5.23 -3.95 13.93
CA MET D 17 5.92 -3.42 12.76
C MET D 17 6.79 -4.43 12.02
N GLU D 18 7.29 -5.45 12.72
CA GLU D 18 8.18 -6.43 12.07
C GLU D 18 7.45 -7.29 11.05
N VAL D 19 6.14 -7.45 11.24
CA VAL D 19 5.30 -8.18 10.29
C VAL D 19 5.12 -7.34 9.02
N LYS D 20 4.88 -6.03 9.19
CA LYS D 20 4.66 -5.11 8.07
C LYS D 20 5.93 -4.86 7.26
N CYS D 21 7.10 -4.91 7.92
CA CYS D 21 8.35 -4.59 7.27
C CYS D 21 9.13 -5.87 6.88
N LYS D 22 8.46 -7.03 6.90
CA LYS D 22 9.11 -8.29 6.49
C LYS D 22 9.17 -8.45 4.95
N PRO D 23 10.26 -9.01 4.44
CA PRO D 23 10.33 -9.33 3.00
C PRO D 23 9.57 -10.60 2.68
N LYS D 24 9.34 -10.86 1.39
CA LYS D 24 8.72 -12.10 0.93
C LYS D 24 9.72 -13.26 1.04
N VAL D 25 9.27 -14.35 1.67
CA VAL D 25 10.15 -15.48 2.03
C VAL D 25 10.74 -16.22 0.81
N GLY D 26 9.96 -16.35 -0.25
CA GLY D 26 10.45 -17.03 -1.44
C GLY D 26 10.87 -16.12 -2.59
N TYR D 27 11.37 -14.93 -2.28
CA TYR D 27 11.68 -13.95 -3.34
C TYR D 27 12.84 -14.40 -4.23
N MET D 28 13.85 -15.05 -3.64
CA MET D 28 15.04 -15.45 -4.39
C MET D 28 14.75 -16.45 -5.51
N LYS D 29 13.76 -17.33 -5.31
CA LYS D 29 13.33 -18.24 -6.39
C LYS D 29 12.80 -17.48 -7.60
N LYS D 30 12.26 -16.29 -7.35
CA LYS D 30 11.64 -15.48 -8.40
C LYS D 30 12.63 -14.48 -9.00
N GLN D 31 13.87 -14.47 -8.49
CA GLN D 31 14.94 -13.69 -9.08
C GLN D 31 15.68 -14.59 -10.06
N PRO D 32 15.51 -14.34 -11.37
CA PRO D 32 16.12 -15.20 -12.38
C PRO D 32 17.66 -15.15 -12.46
N ASP D 33 18.27 -14.05 -12.04
CA ASP D 33 19.72 -13.87 -12.24
C ASP D 33 20.55 -13.87 -10.96
N ILE D 34 19.91 -13.69 -9.80
CA ILE D 34 20.64 -13.69 -8.54
C ILE D 34 20.22 -14.86 -7.64
N THR D 35 21.11 -15.25 -6.72
CA THR D 35 20.92 -16.42 -5.85
C THR D 35 21.24 -16.09 -4.40
N ASN D 36 20.88 -16.99 -3.49
CA ASN D 36 21.23 -16.88 -2.05
C ASN D 36 22.73 -16.71 -1.85
N SER D 37 23.49 -17.47 -2.62
CA SER D 37 24.94 -17.43 -2.56
C SER D 37 25.47 -16.02 -2.85
N MET D 38 24.96 -15.39 -3.91
CA MET D 38 25.34 -14.01 -4.25
C MET D 38 24.96 -13.03 -3.13
N ARG D 39 23.78 -13.23 -2.55
CA ARG D 39 23.29 -12.40 -1.47
C ARG D 39 24.22 -12.48 -0.26
N ALA D 40 24.63 -13.70 0.06
CA ALA D 40 25.55 -13.95 1.15
C ALA D 40 26.88 -13.22 0.92
N ILE D 41 27.42 -13.30 -0.30
CA ILE D 41 28.65 -12.58 -0.63
C ILE D 41 28.48 -11.07 -0.40
N LEU D 42 27.34 -10.53 -0.85
CA LEU D 42 27.03 -9.13 -0.68
C LEU D 42 26.99 -8.72 0.79
N VAL D 43 26.20 -9.44 1.59
CA VAL D 43 26.06 -9.12 3.00
C VAL D 43 27.41 -9.18 3.71
N ASP D 44 28.15 -10.27 3.50
CA ASP D 44 29.50 -10.40 4.05
C ASP D 44 30.35 -9.17 3.73
N TRP D 45 30.22 -8.67 2.50
CA TRP D 45 30.97 -7.50 2.08
C TRP D 45 30.50 -6.24 2.83
N LEU D 46 29.19 -6.12 3.01
CA LEU D 46 28.64 -4.99 3.77
C LEU D 46 29.17 -4.99 5.21
N VAL D 47 29.33 -6.18 5.78
CA VAL D 47 29.94 -6.31 7.10
C VAL D 47 31.31 -5.64 7.11
N GLU D 48 32.16 -5.99 6.13
CA GLU D 48 33.49 -5.38 5.99
C GLU D 48 33.41 -3.87 5.86
N VAL D 49 32.43 -3.40 5.08
CA VAL D 49 32.24 -1.98 4.87
C VAL D 49 31.95 -1.32 6.23
N GLY D 50 31.05 -1.96 6.99
CA GLY D 50 30.70 -1.51 8.34
C GLY D 50 31.92 -1.35 9.23
N GLU D 51 32.80 -2.34 9.21
CA GLU D 51 34.06 -2.28 9.96
C GLU D 51 34.97 -1.16 9.48
N GLU D 52 35.20 -1.10 8.17
CA GLU D 52 36.09 -0.10 7.58
C GLU D 52 35.66 1.33 7.88
N TYR D 53 34.36 1.60 7.83
CA TYR D 53 33.83 2.93 8.07
C TYR D 53 33.27 3.14 9.47
N LYS D 54 33.45 2.15 10.34
CA LYS D 54 33.07 2.23 11.75
C LYS D 54 31.60 2.57 11.96
N LEU D 55 30.74 1.89 11.23
CA LEU D 55 29.30 2.12 11.32
C LEU D 55 28.70 1.20 12.39
N GLN D 56 27.54 1.59 12.91
CA GLN D 56 26.84 0.83 13.93
C GLN D 56 26.39 -0.50 13.35
N ASN D 57 26.19 -1.50 14.22
CA ASN D 57 25.66 -2.78 13.78
C ASN D 57 24.21 -2.63 13.34
N GLU D 58 23.50 -1.70 13.97
CA GLU D 58 22.13 -1.38 13.59
C GLU D 58 22.03 -1.03 12.09
N THR D 59 22.99 -0.23 11.62
CA THR D 59 23.07 0.17 10.21
C THR D 59 23.15 -1.04 9.29
N LEU D 60 24.04 -1.98 9.62
CA LEU D 60 24.17 -3.19 8.84
C LEU D 60 22.83 -3.92 8.78
N HIS D 61 22.19 -4.12 9.93
CA HIS D 61 20.90 -4.83 9.99
C HIS D 61 19.81 -4.13 9.16
N LEU D 62 19.75 -2.80 9.24
CA LEU D 62 18.75 -2.06 8.46
C LEU D 62 19.01 -2.22 6.97
N ALA D 63 20.27 -2.06 6.55
CA ALA D 63 20.64 -2.22 5.14
C ALA D 63 20.17 -3.55 4.58
N VAL D 64 20.39 -4.62 5.34
CA VAL D 64 19.94 -5.96 4.87
C VAL D 64 18.42 -6.03 4.71
N ASN D 65 17.69 -5.46 5.67
CA ASN D 65 16.24 -5.37 5.55
C ASN D 65 15.82 -4.66 4.28
N TYR D 66 16.46 -3.52 4.00
CA TYR D 66 16.17 -2.75 2.79
C TYR D 66 16.45 -3.59 1.55
N ILE D 67 17.61 -4.23 1.50
CA ILE D 67 17.95 -5.07 0.36
C ILE D 67 16.90 -6.15 0.13
N ASP D 68 16.53 -6.89 1.20
CA ASP D 68 15.57 -7.99 1.08
C ASP D 68 14.20 -7.50 0.60
N ARG D 69 13.74 -6.37 1.13
CA ARG D 69 12.46 -5.81 0.67
C ARG D 69 12.53 -5.37 -0.79
N PHE D 70 13.63 -4.70 -1.16
CA PHE D 70 13.82 -4.24 -2.53
C PHE D 70 13.78 -5.39 -3.51
N LEU D 71 14.53 -6.44 -3.20
CA LEU D 71 14.59 -7.64 -4.03
C LEU D 71 13.28 -8.43 -4.04
N SER D 72 12.35 -8.07 -3.14
CA SER D 72 11.04 -8.72 -3.09
C SER D 72 10.10 -8.23 -4.17
N SER D 73 10.39 -7.07 -4.77
CA SER D 73 9.53 -6.54 -5.83
C SER D 73 10.26 -6.09 -7.09
N MET D 74 11.59 -6.03 -7.06
CA MET D 74 12.35 -5.58 -8.22
C MET D 74 13.31 -6.66 -8.72
N SER D 75 13.22 -6.98 -10.00
CA SER D 75 14.20 -7.89 -10.62
C SER D 75 15.54 -7.19 -10.75
N VAL D 76 16.59 -7.86 -10.32
CA VAL D 76 17.93 -7.29 -10.35
C VAL D 76 18.91 -8.26 -11.00
N LEU D 77 19.73 -7.76 -11.93
CA LEU D 77 20.78 -8.56 -12.56
C LEU D 77 22.00 -8.60 -11.67
N ARG D 78 22.79 -9.67 -11.77
CA ARG D 78 23.92 -9.89 -10.85
C ARG D 78 24.91 -8.72 -10.82
N GLY D 79 25.16 -8.13 -11.98
CA GLY D 79 26.06 -6.99 -12.08
C GLY D 79 25.57 -5.72 -11.38
N LYS D 80 24.29 -5.68 -11.02
CA LYS D 80 23.71 -4.50 -10.37
C LYS D 80 23.37 -4.72 -8.88
N LEU D 81 23.54 -5.95 -8.41
CA LEU D 81 23.25 -6.31 -7.03
C LEU D 81 24.00 -5.44 -6.03
N GLN D 82 25.28 -5.21 -6.31
CA GLN D 82 26.13 -4.41 -5.44
C GLN D 82 25.68 -2.95 -5.38
N LEU D 83 25.12 -2.46 -6.48
CA LEU D 83 24.58 -1.10 -6.51
C LEU D 83 23.38 -0.99 -5.56
N VAL D 84 22.53 -2.03 -5.55
CA VAL D 84 21.42 -2.07 -4.61
C VAL D 84 22.00 -2.06 -3.19
N GLY D 85 22.99 -2.92 -2.97
CA GLY D 85 23.65 -3.03 -1.67
C GLY D 85 24.22 -1.71 -1.17
N THR D 86 25.00 -1.04 -2.01
CA THR D 86 25.63 0.25 -1.66
C THR D 86 24.59 1.31 -1.30
N ALA D 87 23.54 1.43 -2.10
CA ALA D 87 22.49 2.42 -1.86
C ALA D 87 21.75 2.11 -0.57
N ALA D 88 21.55 0.81 -0.30
CA ALA D 88 20.91 0.39 0.94
C ALA D 88 21.74 0.79 2.15
N MET D 89 23.04 0.49 2.09
CA MET D 89 23.94 0.81 3.18
C MET D 89 23.96 2.32 3.42
N LEU D 90 24.00 3.10 2.34
CA LEU D 90 24.01 4.56 2.39
C LEU D 90 22.75 5.10 3.09
N LEU D 91 21.60 4.56 2.70
CA LEU D 91 20.32 4.94 3.29
C LEU D 91 20.26 4.58 4.76
N ALA D 92 20.70 3.35 5.07
CA ALA D 92 20.78 2.89 6.45
C ALA D 92 21.68 3.81 7.29
N SER D 93 22.80 4.24 6.71
CA SER D 93 23.70 5.18 7.37
C SER D 93 23.01 6.49 7.66
N LYS D 94 22.28 6.99 6.65
CA LYS D 94 21.61 8.28 6.77
C LYS D 94 20.53 8.24 7.84
N PHE D 95 19.88 7.09 7.96
CA PHE D 95 18.85 6.91 8.97
C PHE D 95 19.43 6.74 10.40
N GLU D 96 20.51 5.98 10.51
CA GLU D 96 20.96 5.50 11.82
C GLU D 96 22.17 6.21 12.42
N GLU D 97 23.18 6.49 11.61
CA GLU D 97 24.42 7.12 12.11
C GLU D 97 24.18 8.54 12.60
N ILE D 98 25.00 9.00 13.53
CA ILE D 98 24.89 10.37 14.00
C ILE D 98 25.30 11.31 12.86
N TYR D 99 26.39 10.94 12.19
CA TYR D 99 26.80 11.54 10.93
C TYR D 99 27.13 10.44 9.93
N PRO D 100 26.39 10.36 8.82
CA PRO D 100 26.71 9.31 7.85
C PRO D 100 27.95 9.68 7.06
N PRO D 101 28.65 8.68 6.49
CA PRO D 101 29.68 9.04 5.53
C PRO D 101 29.03 9.74 4.33
N GLU D 102 29.75 10.70 3.74
CA GLU D 102 29.34 11.32 2.49
C GLU D 102 29.30 10.29 1.35
N VAL D 103 28.59 10.63 0.29
CA VAL D 103 28.39 9.70 -0.83
C VAL D 103 29.69 9.26 -1.52
N ALA D 104 30.63 10.20 -1.67
CA ALA D 104 31.94 9.89 -2.25
C ALA D 104 32.57 8.65 -1.63
N GLU D 105 32.47 8.55 -0.31
CA GLU D 105 33.02 7.42 0.45
C GLU D 105 32.35 6.10 0.09
N PHE D 106 31.05 6.14 -0.19
CA PHE D 106 30.38 4.93 -0.62
C PHE D 106 30.69 4.52 -2.06
N VAL D 107 31.02 5.50 -2.91
CA VAL D 107 31.47 5.21 -4.25
C VAL D 107 32.86 4.57 -4.19
N TYR D 108 33.68 5.02 -3.24
CA TYR D 108 35.05 4.52 -3.09
C TYR D 108 35.09 3.02 -2.83
N ILE D 109 34.19 2.54 -1.97
CA ILE D 109 34.18 1.12 -1.59
C ILE D 109 33.63 0.18 -2.65
N THR D 110 32.99 0.72 -3.70
CA THR D 110 32.61 -0.13 -4.83
C THR D 110 33.81 -0.42 -5.74
N ASP D 111 34.96 0.21 -5.44
CA ASP D 111 36.17 0.15 -6.28
C ASP D 111 35.95 0.69 -7.71
N ASP D 112 35.29 1.85 -7.80
CA ASP D 112 34.98 2.49 -9.09
C ASP D 112 34.09 1.66 -10.03
N THR D 113 33.33 0.73 -9.47
CA THR D 113 32.38 -0.08 -10.24
C THR D 113 31.20 0.78 -10.70
N TYR D 114 30.67 1.58 -9.78
CA TYR D 114 29.56 2.48 -10.06
C TYR D 114 29.97 3.94 -9.82
N THR D 115 29.32 4.87 -10.51
CA THR D 115 29.60 6.29 -10.32
C THR D 115 28.74 6.89 -9.21
N LYS D 116 29.07 8.10 -8.77
CA LYS D 116 28.23 8.84 -7.82
C LYS D 116 26.79 8.92 -8.29
N LYS D 117 26.62 9.35 -9.54
CA LYS D 117 25.31 9.55 -10.13
C LYS D 117 24.46 8.29 -10.00
N GLN D 118 25.08 7.15 -10.28
CA GLN D 118 24.43 5.84 -10.17
C GLN D 118 23.99 5.50 -8.75
N VAL D 119 24.83 5.76 -7.76
CA VAL D 119 24.49 5.44 -6.37
C VAL D 119 23.31 6.31 -5.89
N LEU D 120 23.33 7.59 -6.24
CA LEU D 120 22.27 8.50 -5.85
C LEU D 120 20.91 8.20 -6.50
N ARG D 121 20.94 7.72 -7.75
CA ARG D 121 19.74 7.36 -8.48
C ARG D 121 19.17 6.07 -7.88
N MET D 122 20.06 5.16 -7.51
CA MET D 122 19.65 3.94 -6.85
C MET D 122 19.03 4.27 -5.49
N GLU D 123 19.60 5.26 -4.80
CA GLU D 123 19.02 5.75 -3.54
C GLU D 123 17.59 6.20 -3.75
N HIS D 124 17.38 7.04 -4.77
CA HIS D 124 16.05 7.51 -5.12
C HIS D 124 15.13 6.32 -5.39
N LEU D 125 15.61 5.34 -6.15
CA LEU D 125 14.80 4.18 -6.50
C LEU D 125 14.43 3.34 -5.30
N VAL D 126 15.41 3.07 -4.43
CA VAL D 126 15.16 2.25 -3.24
C VAL D 126 14.12 2.94 -2.35
N LEU D 127 14.28 4.25 -2.16
CA LEU D 127 13.31 5.07 -1.43
C LEU D 127 11.92 4.96 -2.01
N LYS D 128 11.83 5.08 -3.33
CA LYS D 128 10.56 4.94 -4.05
C LYS D 128 9.94 3.57 -3.79
N VAL D 129 10.74 2.51 -3.95
CA VAL D 129 10.24 1.14 -3.82
C VAL D 129 9.86 0.80 -2.37
N LEU D 130 10.66 1.28 -1.41
CA LEU D 130 10.33 1.10 0.01
C LEU D 130 9.31 2.12 0.55
N THR D 131 8.81 2.97 -0.34
CA THR D 131 7.90 4.09 -0.02
C THR D 131 8.29 4.83 1.27
N PHE D 132 9.58 5.16 1.36
CA PHE D 132 10.17 5.86 2.50
C PHE D 132 10.03 5.19 3.87
N ASP D 133 9.64 3.92 3.91
CA ASP D 133 9.41 3.25 5.18
C ASP D 133 10.71 2.62 5.63
N LEU D 134 11.51 3.37 6.38
CA LEU D 134 12.88 2.93 6.67
C LEU D 134 13.10 2.48 8.12
N ALA D 135 12.21 2.86 9.01
CA ALA D 135 12.35 2.52 10.43
C ALA D 135 11.92 1.07 10.72
N ALA D 136 12.56 0.12 10.03
CA ALA D 136 12.28 -1.29 10.22
C ALA D 136 12.85 -1.82 11.55
N PRO D 137 12.05 -2.65 12.26
CA PRO D 137 12.55 -3.42 13.40
C PRO D 137 13.66 -4.38 12.98
N THR D 138 14.65 -4.58 13.83
CA THR D 138 15.79 -5.46 13.50
C THR D 138 16.05 -6.43 14.65
N VAL D 139 16.80 -7.48 14.36
CA VAL D 139 17.24 -8.46 15.38
C VAL D 139 17.95 -7.70 16.50
N ASN D 140 18.83 -6.80 16.07
CA ASN D 140 19.57 -5.91 16.94
C ASN D 140 18.68 -5.16 17.93
N GLN D 141 17.54 -4.67 17.45
CA GLN D 141 16.60 -3.92 18.30
C GLN D 141 16.00 -4.83 19.36
N PHE D 142 15.59 -6.02 18.94
CA PHE D 142 14.97 -6.96 19.87
C PHE D 142 15.96 -7.43 20.94
N LEU D 143 17.18 -7.78 20.52
CA LEU D 143 18.24 -8.15 21.47
C LEU D 143 18.44 -7.04 22.51
N THR D 144 18.49 -5.80 22.03
CA THR D 144 18.62 -4.66 22.92
C THR D 144 17.52 -4.65 23.97
N GLN D 145 16.28 -4.92 23.55
CA GLN D 145 15.17 -4.99 24.50
C GLN D 145 15.32 -6.23 25.39
N TYR D 146 15.80 -7.34 24.82
CA TYR D 146 15.94 -8.59 25.58
C TYR D 146 17.03 -8.50 26.65
N PHE D 147 18.11 -7.79 26.34
CA PHE D 147 19.23 -7.63 27.27
C PHE D 147 18.86 -7.02 28.62
N LEU D 148 17.78 -6.26 28.68
CA LEU D 148 17.30 -5.67 29.93
C LEU D 148 16.75 -6.72 30.90
N HIS D 149 16.56 -7.94 30.42
CA HIS D 149 16.02 -9.04 31.21
C HIS D 149 17.11 -10.03 31.67
N GLN D 150 18.37 -9.61 31.57
CA GLN D 150 19.51 -10.38 32.09
C GLN D 150 19.60 -10.25 33.60
N GLN D 151 19.98 -11.35 34.26
CA GLN D 151 20.19 -11.35 35.71
C GLN D 151 21.49 -12.06 36.12
N PRO D 152 22.60 -11.29 36.25
CA PRO D 152 22.74 -9.88 35.87
C PRO D 152 23.27 -9.77 34.43
N ALA D 153 23.61 -8.55 34.01
CA ALA D 153 24.13 -8.31 32.66
C ALA D 153 25.51 -8.96 32.46
N ASN D 154 25.70 -9.55 31.29
CA ASN D 154 26.95 -10.23 30.95
C ASN D 154 27.35 -9.84 29.53
N CYS D 155 28.50 -9.17 29.43
CA CYS D 155 28.98 -8.62 28.16
CA CYS D 155 29.00 -8.62 28.17
C CYS D 155 29.38 -9.71 27.15
N LYS D 156 29.80 -10.86 27.66
CA LYS D 156 30.09 -12.00 26.80
C LYS D 156 28.81 -12.55 26.19
N VAL D 157 27.75 -12.67 26.99
CA VAL D 157 26.44 -13.07 26.49
C VAL D 157 25.97 -12.09 25.42
N GLU D 158 26.02 -10.80 25.73
CA GLU D 158 25.59 -9.77 24.79
C GLU D 158 26.31 -9.84 23.45
N SER D 159 27.64 -9.93 23.49
CA SER D 159 28.47 -10.02 22.27
C SER D 159 28.16 -11.25 21.45
N LEU D 160 28.08 -12.40 22.11
CA LEU D 160 27.78 -13.66 21.43
C LEU D 160 26.39 -13.65 20.82
N ALA D 161 25.41 -13.08 21.52
CA ALA D 161 24.07 -12.92 20.96
C ALA D 161 24.11 -12.05 19.70
N MET D 162 24.87 -10.95 19.78
CA MET D 162 25.09 -10.06 18.66
C MET D 162 25.73 -10.81 17.49
N PHE D 163 26.74 -11.63 17.82
CA PHE D 163 27.45 -12.41 16.84
C PHE D 163 26.52 -13.37 16.10
N LEU D 164 25.70 -14.10 16.87
CA LEU D 164 24.80 -15.10 16.30
C LEU D 164 23.75 -14.44 15.42
N GLY D 165 23.24 -13.30 15.87
CA GLY D 165 22.27 -12.52 15.12
C GLY D 165 22.84 -12.06 13.78
N GLU D 166 24.09 -11.60 13.78
CA GLU D 166 24.70 -11.15 12.54
C GLU D 166 24.86 -12.29 11.54
N LEU D 167 25.26 -13.47 12.03
CA LEU D 167 25.41 -14.62 11.18
C LEU D 167 24.12 -14.91 10.43
N SER D 168 22.99 -14.65 11.10
CA SER D 168 21.68 -14.95 10.52
C SER D 168 21.40 -14.10 9.29
N LEU D 169 22.06 -12.94 9.22
CA LEU D 169 21.95 -12.06 8.07
C LEU D 169 22.51 -12.66 6.79
N ILE D 170 23.50 -13.53 6.91
CA ILE D 170 24.23 -14.05 5.77
C ILE D 170 23.38 -14.99 4.90
N ASP D 171 22.63 -15.87 5.55
CA ASP D 171 21.98 -16.96 4.85
C ASP D 171 20.46 -16.79 4.79
N ALA D 172 20.00 -16.31 3.64
CA ALA D 172 18.57 -16.10 3.39
C ALA D 172 17.78 -17.39 3.60
N ASP D 173 18.36 -18.52 3.21
CA ASP D 173 17.85 -19.81 3.62
C ASP D 173 18.74 -20.28 4.78
N PRO D 174 18.15 -20.47 5.98
CA PRO D 174 16.72 -20.45 6.28
C PRO D 174 16.13 -19.15 6.88
N TYR D 175 16.96 -18.14 7.18
CA TYR D 175 16.52 -17.09 8.11
C TYR D 175 15.39 -16.16 7.67
N LEU D 176 15.09 -16.10 6.38
CA LEU D 176 13.98 -15.28 5.92
C LEU D 176 12.64 -15.85 6.40
N LYS D 177 12.66 -17.12 6.82
CA LYS D 177 11.47 -17.77 7.38
C LYS D 177 11.07 -17.23 8.75
N TYR D 178 12.01 -16.59 9.45
CA TYR D 178 11.76 -16.13 10.82
C TYR D 178 11.75 -14.62 10.93
N LEU D 179 10.86 -14.12 11.80
CA LEU D 179 10.83 -12.71 12.16
C LEU D 179 12.02 -12.37 13.04
N PRO D 180 12.47 -11.10 13.00
CA PRO D 180 13.55 -10.61 13.86
C PRO D 180 13.40 -10.95 15.35
N SER D 181 12.17 -10.88 15.87
CA SER D 181 11.92 -11.17 17.28
C SER D 181 12.25 -12.61 17.63
N VAL D 182 12.08 -13.51 16.67
CA VAL D 182 12.30 -14.94 16.86
C VAL D 182 13.79 -15.29 16.76
N ILE D 183 14.47 -14.75 15.74
CA ILE D 183 15.92 -14.92 15.62
C ILE D 183 16.60 -14.38 16.89
N ALA D 184 16.18 -13.18 17.32
CA ALA D 184 16.71 -12.58 18.54
C ALA D 184 16.46 -13.48 19.74
N GLY D 185 15.26 -14.06 19.80
CA GLY D 185 14.93 -15.02 20.85
C GLY D 185 15.96 -16.13 20.89
N ALA D 186 16.16 -16.78 19.74
CA ALA D 186 17.11 -17.87 19.61
C ALA D 186 18.54 -17.42 19.93
N ALA D 187 18.96 -16.31 19.34
CA ALA D 187 20.30 -15.78 19.53
C ALA D 187 20.57 -15.52 21.00
N PHE D 188 19.58 -14.97 21.70
CA PHE D 188 19.76 -14.68 23.11
C PHE D 188 19.90 -15.96 23.92
N HIS D 189 18.98 -16.90 23.73
CA HIS D 189 19.03 -18.17 24.47
C HIS D 189 20.35 -18.92 24.26
N LEU D 190 20.79 -19.00 23.00
CA LEU D 190 21.98 -19.77 22.64
C LEU D 190 23.24 -19.13 23.24
N ALA D 191 23.30 -17.80 23.19
CA ALA D 191 24.39 -17.06 23.79
C ALA D 191 24.40 -17.30 25.29
N LEU D 192 23.22 -17.19 25.88
CA LEU D 192 23.03 -17.36 27.31
C LEU D 192 23.46 -18.77 27.78
N TYR D 193 23.05 -19.77 27.02
CA TYR D 193 23.36 -21.17 27.33
C TYR D 193 24.84 -21.47 27.18
N THR D 194 25.46 -20.90 26.15
CA THR D 194 26.89 -21.14 25.86
C THR D 194 27.78 -20.55 26.96
N VAL D 195 27.51 -19.32 27.35
CA VAL D 195 28.35 -18.61 28.33
C VAL D 195 28.04 -19.01 29.78
N THR D 196 26.76 -19.00 30.16
CA THR D 196 26.39 -19.15 31.58
C THR D 196 25.65 -20.44 31.91
N GLY D 197 25.15 -21.13 30.88
CA GLY D 197 24.37 -22.35 31.08
C GLY D 197 22.92 -22.10 31.45
N GLN D 198 22.54 -20.82 31.55
CA GLN D 198 21.16 -20.44 31.83
C GLN D 198 20.30 -20.59 30.58
N SER D 199 18.98 -20.49 30.74
CA SER D 199 18.06 -20.60 29.61
C SER D 199 17.18 -19.35 29.44
N TRP D 200 16.58 -19.23 28.26
CA TRP D 200 15.55 -18.25 27.94
C TRP D 200 14.65 -18.03 29.16
N PRO D 201 14.76 -16.84 29.79
CA PRO D 201 14.20 -16.65 31.12
C PRO D 201 12.68 -16.45 31.16
N GLU D 202 12.08 -16.81 32.30
CA GLU D 202 10.63 -16.72 32.50
C GLU D 202 10.05 -15.34 32.15
N SER D 203 10.75 -14.28 32.57
CA SER D 203 10.32 -12.91 32.27
C SER D 203 10.18 -12.61 30.77
N LEU D 204 11.04 -13.20 29.95
CA LEU D 204 10.94 -13.01 28.50
C LEU D 204 9.84 -13.86 27.86
N ILE D 205 9.57 -15.02 28.45
CA ILE D 205 8.46 -15.87 28.05
C ILE D 205 7.17 -15.07 28.19
N ARG D 206 6.98 -14.46 29.35
CA ARG D 206 5.80 -13.64 29.66
C ARG D 206 5.69 -12.40 28.77
N LYS D 207 6.82 -11.76 28.50
CA LYS D 207 6.85 -10.55 27.69
C LYS D 207 6.62 -10.83 26.21
N THR D 208 7.31 -11.84 25.68
CA THR D 208 7.28 -12.15 24.26
C THR D 208 6.16 -13.12 23.85
N GLY D 209 5.70 -13.94 24.79
CA GLY D 209 4.73 -14.99 24.48
C GLY D 209 5.40 -16.23 23.90
N TYR D 210 6.71 -16.14 23.66
CA TYR D 210 7.47 -17.26 23.12
C TYR D 210 7.98 -18.17 24.24
N THR D 211 7.62 -19.44 24.16
CA THR D 211 8.20 -20.47 25.01
C THR D 211 9.52 -20.91 24.40
N LEU D 212 10.32 -21.64 25.18
CA LEU D 212 11.54 -22.25 24.66
C LEU D 212 11.19 -23.22 23.54
N GLU D 213 10.12 -23.98 23.74
CA GLU D 213 9.60 -24.89 22.72
C GLU D 213 9.28 -24.18 21.40
N SER D 214 8.65 -23.01 21.48
CA SER D 214 8.27 -22.28 20.27
C SER D 214 9.49 -21.76 19.51
N LEU D 215 10.59 -21.55 20.23
CA LEU D 215 11.84 -21.08 19.61
C LEU D 215 12.63 -22.25 19.01
N LYS D 216 12.24 -23.47 19.35
CA LYS D 216 12.97 -24.67 18.94
C LYS D 216 13.39 -24.70 17.47
N PRO D 217 12.42 -24.58 16.52
CA PRO D 217 12.80 -24.66 15.10
C PRO D 217 13.92 -23.68 14.71
N CYS D 218 13.82 -22.44 15.16
CA CYS D 218 14.82 -21.41 14.85
C CYS D 218 16.14 -21.67 15.58
N LEU D 219 16.03 -22.18 16.80
CA LEU D 219 17.17 -22.49 17.63
C LEU D 219 18.01 -23.62 17.01
N MET D 220 17.35 -24.63 16.43
CA MET D 220 18.04 -25.74 15.76
C MET D 220 18.83 -25.25 14.55
N ASP D 221 18.22 -24.35 13.78
CA ASP D 221 18.88 -23.72 12.63
C ASP D 221 20.10 -22.89 13.06
N LEU D 222 19.92 -22.07 14.09
CA LEU D 222 20.95 -21.16 14.54
C LEU D 222 22.13 -21.91 15.17
N HIS D 223 21.80 -22.99 15.88
CA HIS D 223 22.80 -23.91 16.39
C HIS D 223 23.66 -24.48 15.25
N GLN D 224 23.01 -24.98 14.19
CA GLN D 224 23.71 -25.49 13.01
C GLN D 224 24.63 -24.43 12.39
N THR D 225 24.09 -23.22 12.19
CA THR D 225 24.87 -22.11 11.67
C THR D 225 26.12 -21.89 12.53
N TYR D 226 25.90 -21.82 13.84
CA TYR D 226 26.95 -21.57 14.81
C TYR D 226 28.01 -22.68 14.76
N LEU D 227 27.57 -23.94 14.78
CA LEU D 227 28.47 -25.09 14.65
C LEU D 227 29.32 -25.06 13.38
N LYS D 228 28.71 -24.65 12.27
CA LYS D 228 29.32 -24.71 10.95
C LYS D 228 30.05 -23.43 10.54
N ALA D 229 29.98 -22.41 11.40
CA ALA D 229 30.52 -21.08 11.08
C ALA D 229 31.98 -21.06 10.59
N PRO D 230 32.89 -21.83 11.23
CA PRO D 230 34.26 -21.84 10.71
C PRO D 230 34.40 -22.38 9.28
N GLN D 231 33.43 -23.16 8.82
CA GLN D 231 33.45 -23.80 7.50
CA GLN D 231 33.54 -23.71 7.46
C GLN D 231 32.60 -23.05 6.46
N HIS D 232 32.00 -21.93 6.88
CA HIS D 232 31.22 -21.08 5.99
C HIS D 232 32.17 -20.34 5.05
N ALA D 233 31.79 -20.25 3.78
CA ALA D 233 32.56 -19.48 2.78
C ALA D 233 32.72 -18.01 3.18
N GLN D 234 31.72 -17.46 3.86
CA GLN D 234 31.76 -16.07 4.30
C GLN D 234 32.25 -15.98 5.75
N GLN D 235 33.38 -15.29 5.92
CA GLN D 235 34.09 -15.24 7.20
C GLN D 235 34.22 -13.87 7.87
N SER D 236 33.65 -12.81 7.27
CA SER D 236 33.86 -11.47 7.78
C SER D 236 33.32 -11.26 9.18
N ILE D 237 32.18 -11.88 9.48
CA ILE D 237 31.59 -11.73 10.82
C ILE D 237 32.45 -12.38 11.92
N ARG D 238 32.89 -13.62 11.68
CA ARG D 238 33.83 -14.28 12.60
C ARG D 238 35.09 -13.45 12.85
N GLU D 239 35.61 -12.85 11.77
CA GLU D 239 36.80 -12.02 11.85
C GLU D 239 36.55 -10.76 12.68
N LYS D 240 35.41 -10.11 12.41
CA LYS D 240 34.95 -8.97 13.18
C LYS D 240 34.84 -9.30 14.67
N TYR D 241 34.25 -10.44 14.99
CA TYR D 241 34.01 -10.81 16.38
C TYR D 241 35.21 -11.44 17.12
N LYS D 242 36.37 -11.42 16.48
CA LYS D 242 37.61 -11.83 17.14
C LYS D 242 38.16 -10.70 17.99
N ASN D 243 37.72 -9.48 17.65
CA ASN D 243 38.08 -8.23 18.32
C ASN D 243 37.81 -8.24 19.82
N SER D 244 38.74 -7.66 20.59
CA SER D 244 38.58 -7.53 22.04
C SER D 244 37.34 -6.71 22.40
N LYS D 245 37.02 -5.78 21.51
CA LYS D 245 35.78 -5.02 21.51
C LYS D 245 34.56 -5.94 21.73
N TYR D 246 34.54 -7.08 21.03
CA TYR D 246 33.49 -8.07 21.19
C TYR D 246 33.92 -9.28 22.05
N HIS D 247 34.97 -9.10 22.85
CA HIS D 247 35.49 -10.12 23.78
C HIS D 247 35.86 -11.43 23.10
N GLY D 248 36.20 -11.33 21.81
CA GLY D 248 36.59 -12.47 20.99
C GLY D 248 35.63 -13.65 21.00
N VAL D 249 34.33 -13.37 21.04
CA VAL D 249 33.32 -14.42 21.25
C VAL D 249 33.23 -15.46 20.12
N SER D 250 33.63 -15.08 18.91
CA SER D 250 33.58 -16.00 17.77
C SER D 250 34.59 -17.13 17.88
N LEU D 251 35.45 -17.06 18.89
CA LEU D 251 36.43 -18.10 19.16
C LEU D 251 35.96 -19.08 20.23
N LEU D 252 34.81 -18.78 20.85
CA LEU D 252 34.21 -19.65 21.84
C LEU D 252 33.66 -20.92 21.21
N ASN D 253 33.93 -22.06 21.84
CA ASN D 253 33.37 -23.33 21.40
C ASN D 253 31.88 -23.39 21.60
N PRO D 254 31.12 -23.62 20.50
CA PRO D 254 29.67 -23.78 20.56
C PRO D 254 29.31 -25.06 21.32
N PRO D 255 28.17 -25.06 22.02
CA PRO D 255 27.80 -26.28 22.76
C PRO D 255 27.47 -27.38 21.77
N GLU D 256 27.77 -28.63 22.11
CA GLU D 256 27.53 -29.69 21.15
C GLU D 256 26.07 -30.15 21.10
N THR D 257 25.36 -30.03 22.23
CA THR D 257 23.90 -30.18 22.24
C THR D 257 23.23 -29.09 23.06
N LEU D 258 21.96 -28.86 22.78
CA LEU D 258 21.16 -27.88 23.51
C LEU D 258 20.33 -28.52 24.62
N ASN D 259 20.23 -29.85 24.62
CA ASN D 259 19.38 -30.61 25.54
C ASN D 259 17.94 -30.08 25.53
N LEU D 260 17.34 -30.00 24.34
CA LEU D 260 15.95 -29.57 24.20
C LEU D 260 15.01 -30.77 24.18
C1 BLZ E . 9.43 -9.57 -28.42
O2 BLZ E . 8.31 -8.87 -28.90
C3 BLZ E . 7.55 -8.43 -27.83
C4 BLZ E . 7.89 -8.69 -26.52
C5 BLZ E . 7.04 -8.19 -25.54
N6 BLZ E . 7.13 -8.30 -24.19
C7 BLZ E . 6.08 -7.66 -23.71
N8 BLZ E . 5.31 -7.15 -24.70
C9 BLZ E . 4.12 -6.45 -24.55
C10 BLZ E . 3.63 -5.36 -25.23
C11 BLZ E . 2.32 -5.01 -24.77
O12 BLZ E . 1.54 -4.01 -25.24
C13 BLZ E . 1.47 -3.89 -26.68
C14 BLZ E . 0.27 -3.01 -26.97
C15 BLZ E . 1.30 -5.17 -27.46
C16 BLZ E . 0.62 -6.25 -26.92
C17 BLZ E . 0.46 -7.42 -27.61
C18 BLZ E . 0.98 -7.54 -28.88
C19 BLZ E . 1.65 -6.48 -29.44
C20 BLZ E . 1.82 -5.30 -28.75
CL2 BLZ E . 2.57 -4.22 -29.43
C22 BLZ E . 1.86 -5.83 -23.77
S23 BLZ E . 3.02 -7.03 -23.37
C24 BLZ E . 0.62 -5.82 -23.07
O25 BLZ E . 0.26 -6.69 -22.29
N26 BLZ E . -0.14 -4.73 -23.37
C27 BLZ E . 5.91 -7.48 -25.90
C28 BLZ E . 5.54 -7.22 -27.21
C29 BLZ E . 6.41 -7.72 -28.16
O30 BLZ E . 6.21 -7.55 -29.53
C31 BLZ E . 5.02 -6.81 -29.77
C1 BLZ F . 1.92 29.99 10.13
O2 BLZ F . 3.31 29.72 10.30
C3 BLZ F . 3.55 28.38 10.03
C4 BLZ F . 2.56 27.49 9.66
C5 BLZ F . 2.93 26.18 9.42
N6 BLZ F . 2.16 25.12 9.04
C7 BLZ F . 2.99 24.10 8.93
N8 BLZ F . 4.27 24.47 9.22
C9 BLZ F . 5.37 23.62 9.21
C10 BLZ F . 6.64 23.84 8.74
C11 BLZ F . 7.48 22.71 8.99
O12 BLZ F . 8.80 22.61 8.68
C13 BLZ F . 9.57 23.80 8.90
C14 BLZ F . 11.04 23.44 8.79
C15 BLZ F . 9.37 24.44 10.25
C16 BLZ F . 9.05 23.68 11.35
C17 BLZ F . 8.86 24.25 12.59
C18 BLZ F . 9.01 25.62 12.74
C19 BLZ F . 9.34 26.39 11.64
C20 BLZ F . 9.52 25.81 10.41
CL2 BLZ F . 9.87 26.70 9.26
C22 BLZ F . 6.83 21.69 9.64
S23 BLZ F . 5.19 22.08 9.94
C24 BLZ F . 7.31 20.41 10.08
O25 BLZ F . 6.77 19.76 10.97
N26 BLZ F . 8.44 20.00 9.43
C27 BLZ F . 4.26 25.80 9.53
C28 BLZ F . 5.26 26.67 9.91
C29 BLZ F . 4.86 27.97 10.15
O30 BLZ F . 5.73 28.99 10.53
C31 BLZ F . 7.05 28.47 10.62
#